data_3SE2
#
_entry.id   3SE2
#
_cell.length_a   82.372
_cell.length_b   82.372
_cell.length_c   434.478
_cell.angle_alpha   90.00
_cell.angle_beta   90.00
_cell.angle_gamma   120.00
#
_symmetry.space_group_name_H-M   'P 65 2 2'
#
loop_
_entity.id
_entity.type
_entity.pdbx_description
1 polymer 'Poly [ADP-ribose] polymerase 14'
2 non-polymer phenanthridin-6(5H)-one
3 non-polymer GLYCEROL
4 non-polymer 'THIOCYANATE ION'
5 non-polymer 3-aminobenzamide
6 non-polymer 'CHLORIDE ION'
7 water water
#
_entity_poly.entity_id   1
_entity_poly.type   'polypeptide(L)'
_entity_poly.pdbx_seq_one_letter_code
;SMDMKQQNFCVVELLPSDPEYNTVASKFNQTCSHFRIEKIERIQNPDLWNSYQAKKKTMDAKNGQTMNEKQLFHGTDAGS
VPHVNRNGFNRSYAGKNAVAYGKGTYFAVNANYSANDTYSRPDANGRKHVYYVRVLTGIYTHGNHSLIVPPSKNPQNPTD
LYDTVTDNVHHPSLFVAFYDYQAYPEYLITFRK
;
_entity_poly.pdbx_strand_id   A,B,C,D
#
loop_
_chem_comp.id
_chem_comp.type
_chem_comp.name
_chem_comp.formula
3AB non-polymer 3-aminobenzamide 'C7 H8 N2 O'
CL non-polymer 'CHLORIDE ION' 'Cl -1'
GOL non-polymer GLYCEROL 'C3 H8 O3'
LDR non-polymer phenanthridin-6(5H)-one 'C13 H9 N O'
SCN non-polymer 'THIOCYANATE ION' 'C N S -1'
#
# COMPACT_ATOMS: atom_id res chain seq x y z
N LYS A 5 -17.22 22.65 -21.74
CA LYS A 5 -17.26 21.82 -22.95
C LYS A 5 -16.77 20.38 -22.67
N GLN A 6 -15.47 20.19 -22.52
CA GLN A 6 -14.90 18.85 -22.57
C GLN A 6 -14.86 18.07 -21.22
N GLN A 7 -14.85 18.77 -20.10
CA GLN A 7 -14.88 18.12 -18.76
C GLN A 7 -13.69 17.18 -18.49
N ASN A 8 -12.53 17.58 -18.98
CA ASN A 8 -11.29 16.95 -18.60
C ASN A 8 -11.04 17.14 -17.10
N PHE A 9 -10.20 16.29 -16.54
CA PHE A 9 -9.98 16.35 -15.10
C PHE A 9 -8.56 15.94 -14.73
N CYS A 10 -8.16 16.41 -13.57
CA CYS A 10 -6.89 16.05 -13.00
C CYS A 10 -7.16 15.51 -11.63
N VAL A 11 -6.35 14.53 -11.21
CA VAL A 11 -6.49 13.90 -9.90
C VAL A 11 -5.24 14.26 -9.09
N VAL A 12 -5.47 14.79 -7.89
CA VAL A 12 -4.41 15.27 -7.02
C VAL A 12 -4.52 14.58 -5.67
N GLU A 13 -3.49 13.84 -5.27
CA GLU A 13 -3.51 13.16 -3.95
C GLU A 13 -3.29 14.14 -2.80
N LEU A 14 -4.10 14.08 -1.75
CA LEU A 14 -3.83 14.85 -0.54
C LEU A 14 -2.88 14.05 0.35
N LEU A 15 -1.89 14.73 0.90
CA LEU A 15 -0.92 14.08 1.78
C LEU A 15 -1.53 13.97 3.18
N PRO A 16 -1.25 12.88 3.90
CA PRO A 16 -1.73 12.75 5.28
C PRO A 16 -1.34 13.90 6.22
N SER A 17 -0.36 14.72 5.81
CA SER A 17 0.04 15.92 6.57
C SER A 17 -0.82 17.14 6.31
N ASP A 18 -1.61 17.10 5.25
CA ASP A 18 -2.44 18.22 4.83
C ASP A 18 -3.71 18.31 5.68
N PRO A 19 -4.03 19.50 6.25
CA PRO A 19 -5.27 19.59 7.03
C PRO A 19 -6.55 19.24 6.24
N GLU A 20 -6.53 19.43 4.93
CA GLU A 20 -7.66 19.06 4.09
C GLU A 20 -7.83 17.53 4.08
N TYR A 21 -6.72 16.82 4.02
CA TYR A 21 -6.76 15.39 4.17
C TYR A 21 -7.48 15.03 5.48
N ASN A 22 -7.06 15.64 6.58
CA ASN A 22 -7.62 15.29 7.89
C ASN A 22 -9.11 15.58 8.04
N THR A 23 -9.58 16.68 7.46
CA THR A 23 -11.01 17.00 7.45
C THR A 23 -11.80 15.92 6.71
N VAL A 24 -11.40 15.62 5.47
CA VAL A 24 -12.13 14.61 4.66
C VAL A 24 -12.06 13.23 5.34
N ALA A 25 -10.85 12.83 5.73
CA ALA A 25 -10.63 11.58 6.45
C ALA A 25 -11.51 11.50 7.68
N SER A 26 -11.67 12.63 8.37
CA SER A 26 -12.49 12.70 9.56
C SER A 26 -13.98 12.45 9.30
N LYS A 27 -14.49 12.97 8.19
CA LYS A 27 -15.90 12.78 7.83
C LYS A 27 -16.21 11.31 7.52
N PHE A 28 -15.33 10.69 6.76
CA PHE A 28 -15.41 9.25 6.50
C PHE A 28 -15.29 8.45 7.79
N ASN A 29 -14.30 8.79 8.61
CA ASN A 29 -14.00 8.02 9.81
C ASN A 29 -15.11 8.02 10.86
N GLN A 30 -16.01 9.00 10.76
CA GLN A 30 -17.05 9.16 11.76
C GLN A 30 -17.83 7.83 11.89
N THR A 31 -17.98 7.12 10.77
CA THR A 31 -18.63 5.81 10.77
C THR A 31 -17.80 4.67 10.14
N CYS A 32 -16.64 4.99 9.56
CA CYS A 32 -15.80 3.96 8.89
C CYS A 32 -14.37 3.87 9.41
N SER A 33 -14.16 4.12 10.71
CA SER A 33 -12.80 4.18 11.25
C SER A 33 -12.17 2.81 11.35
N HIS A 34 -12.99 1.77 11.29
CA HIS A 34 -12.52 0.37 11.23
C HIS A 34 -11.80 0.02 9.93
N PHE A 35 -12.02 0.81 8.87
CA PHE A 35 -11.27 0.66 7.60
C PHE A 35 -9.92 1.38 7.66
N ARG A 36 -8.97 0.97 6.82
CA ARG A 36 -7.71 1.71 6.61
C ARG A 36 -7.78 2.53 5.33
N ILE A 37 -7.71 3.86 5.47
CA ILE A 37 -7.60 4.75 4.34
C ILE A 37 -6.20 4.65 3.74
N GLU A 38 -6.13 4.50 2.43
CA GLU A 38 -4.87 4.46 1.72
C GLU A 38 -4.56 5.75 0.94
N LYS A 39 -5.58 6.38 0.38
CA LYS A 39 -5.39 7.71 -0.18
C LYS A 39 -6.67 8.49 -0.27
N ILE A 40 -6.53 9.81 -0.22
CA ILE A 40 -7.63 10.71 -0.48
C ILE A 40 -7.15 11.55 -1.62
N GLU A 41 -8.01 11.70 -2.63
CA GLU A 41 -7.71 12.51 -3.80
C GLU A 41 -8.78 13.56 -4.07
N ARG A 42 -8.34 14.76 -4.45
CA ARG A 42 -9.26 15.76 -4.95
C ARG A 42 -9.42 15.60 -6.47
N ILE A 43 -10.66 15.67 -6.93
CA ILE A 43 -10.95 15.61 -8.36
C ILE A 43 -11.15 17.03 -8.87
N GLN A 44 -10.24 17.49 -9.72
CA GLN A 44 -10.29 18.83 -10.26
C GLN A 44 -10.80 18.76 -11.67
N ASN A 45 -12.07 19.12 -11.83
CA ASN A 45 -12.70 19.18 -13.15
C ASN A 45 -13.45 20.50 -13.27
N PRO A 46 -12.77 21.53 -13.82
CA PRO A 46 -13.35 22.89 -13.93
C PRO A 46 -14.70 22.99 -14.66
N ASP A 47 -14.90 22.31 -15.79
CA ASP A 47 -16.17 22.41 -16.51
C ASP A 47 -17.31 21.80 -15.67
N LEU A 48 -17.07 20.64 -15.09
CA LEU A 48 -18.08 19.97 -14.26
C LEU A 48 -18.39 20.82 -13.04
N TRP A 49 -17.35 21.45 -12.50
CA TRP A 49 -17.47 22.30 -11.34
C TRP A 49 -18.27 23.54 -11.66
N ASN A 50 -17.92 24.22 -12.74
CA ASN A 50 -18.68 25.38 -13.22
C ASN A 50 -20.13 25.02 -13.53
N SER A 51 -20.40 23.85 -14.14
CA SER A 51 -21.81 23.44 -14.39
C SER A 51 -22.56 23.16 -13.09
N TYR A 52 -21.87 22.56 -12.12
CA TYR A 52 -22.45 22.36 -10.79
C TYR A 52 -22.74 23.68 -10.05
N GLN A 53 -21.81 24.63 -10.11
CA GLN A 53 -22.03 25.90 -9.43
C GLN A 53 -23.13 26.68 -10.12
N ALA A 54 -23.24 26.59 -11.44
CA ALA A 54 -24.31 27.31 -12.16
C ALA A 54 -25.66 26.76 -11.69
N LYS A 55 -25.70 25.47 -11.42
CA LYS A 55 -26.92 24.79 -10.96
C LYS A 55 -27.21 25.09 -9.49
N LYS A 56 -26.17 25.23 -8.67
CA LYS A 56 -26.35 25.68 -7.27
C LYS A 56 -26.87 27.11 -7.19
N LYS A 57 -26.36 27.97 -8.06
CA LYS A 57 -26.81 29.35 -8.11
C LYS A 57 -28.31 29.45 -8.43
N THR A 58 -28.78 28.60 -9.35
CA THR A 58 -30.19 28.53 -9.73
C THR A 58 -31.05 28.01 -8.58
N MET A 59 -30.59 26.97 -7.90
CA MET A 59 -31.34 26.45 -6.76
C MET A 59 -31.40 27.45 -5.58
N ASP A 60 -30.30 28.16 -5.31
CA ASP A 60 -30.27 29.12 -4.20
C ASP A 60 -31.20 30.33 -4.41
N ALA A 61 -31.47 30.67 -5.67
CA ALA A 61 -32.45 31.72 -6.02
C ALA A 61 -33.86 31.22 -5.73
N LYS A 62 -34.12 30.00 -6.18
CA LYS A 62 -35.43 29.39 -6.05
C LYS A 62 -35.85 29.04 -4.61
N ASN A 63 -34.93 28.52 -3.79
CA ASN A 63 -35.31 27.96 -2.47
C ASN A 63 -35.18 28.91 -1.29
N GLY A 64 -34.96 30.18 -1.57
CA GLY A 64 -34.96 31.22 -0.54
C GLY A 64 -33.82 31.07 0.44
N GLN A 65 -34.10 30.52 1.62
CA GLN A 65 -33.07 30.44 2.65
C GLN A 65 -32.61 29.04 2.95
N THR A 66 -33.15 28.08 2.20
CA THR A 66 -32.73 26.69 2.36
C THR A 66 -31.23 26.59 2.17
N MET A 67 -30.60 25.76 2.98
CA MET A 67 -29.24 25.29 2.74
C MET A 67 -29.35 24.15 1.75
N ASN A 68 -29.07 24.43 0.48
CA ASN A 68 -29.35 23.45 -0.59
C ASN A 68 -28.31 22.33 -0.74
N GLU A 69 -27.09 22.53 -0.26
CA GLU A 69 -25.97 21.62 -0.51
C GLU A 69 -25.65 20.83 0.73
N LYS A 70 -25.40 19.54 0.55
CA LYS A 70 -24.88 18.70 1.62
C LYS A 70 -23.70 17.91 1.10
N GLN A 71 -22.87 17.46 2.03
CA GLN A 71 -21.71 16.67 1.67
C GLN A 71 -22.02 15.25 2.05
N LEU A 72 -22.20 14.43 1.03
CA LEU A 72 -22.66 13.06 1.20
C LEU A 72 -21.67 12.07 0.56
N PHE A 73 -21.87 10.80 0.81
CA PHE A 73 -20.96 9.78 0.32
C PHE A 73 -21.58 8.98 -0.82
N HIS A 74 -20.73 8.41 -1.65
CA HIS A 74 -21.14 7.48 -2.68
C HIS A 74 -20.05 6.44 -2.97
N GLY A 75 -20.37 5.18 -2.69
CA GLY A 75 -19.53 4.06 -3.03
C GLY A 75 -19.84 3.54 -4.42
N THR A 76 -18.79 3.22 -5.17
CA THR A 76 -18.90 2.62 -6.51
C THR A 76 -17.68 1.72 -6.81
N ASP A 77 -17.71 1.03 -7.94
CA ASP A 77 -16.58 0.19 -8.38
C ASP A 77 -15.46 0.99 -9.06
N ALA A 78 -14.25 0.45 -8.95
CA ALA A 78 -13.09 1.07 -9.57
C ALA A 78 -13.40 1.42 -11.04
N GLY A 79 -14.12 0.51 -11.70
CA GLY A 79 -14.53 0.68 -13.11
C GLY A 79 -15.31 1.93 -13.45
N SER A 80 -16.11 2.44 -12.50
CA SER A 80 -16.93 3.65 -12.69
C SER A 80 -16.16 4.98 -12.42
N VAL A 81 -15.03 4.88 -11.72
CA VAL A 81 -14.31 6.07 -11.27
C VAL A 81 -13.99 7.03 -12.44
N PRO A 82 -13.40 6.53 -13.54
CA PRO A 82 -13.10 7.41 -14.67
C PRO A 82 -14.33 8.11 -15.24
N HIS A 83 -15.46 7.42 -15.25
CA HIS A 83 -16.70 7.97 -15.71
C HIS A 83 -17.20 9.12 -14.83
N VAL A 84 -17.27 8.87 -13.52
CA VAL A 84 -17.68 9.86 -12.53
C VAL A 84 -16.75 11.07 -12.48
N ASN A 85 -15.44 10.82 -12.60
CA ASN A 85 -14.49 11.93 -12.54
C ASN A 85 -14.74 12.95 -13.67
N ARG A 86 -15.12 12.45 -14.86
CA ARG A 86 -15.39 13.27 -16.05
C ARG A 86 -16.82 13.79 -16.10
N ASN A 87 -17.78 12.94 -15.75
CA ASN A 87 -19.16 13.26 -16.00
C ASN A 87 -19.97 13.59 -14.77
N GLY A 88 -19.42 13.28 -13.61
CA GLY A 88 -20.18 13.32 -12.38
C GLY A 88 -21.17 12.18 -12.37
N PHE A 89 -22.27 12.34 -11.66
CA PHE A 89 -23.26 11.29 -11.50
C PHE A 89 -24.41 11.50 -12.47
N ASN A 90 -24.13 11.12 -13.70
CA ASN A 90 -25.03 11.23 -14.86
C ASN A 90 -26.39 10.58 -14.75
N ARG A 91 -27.25 10.94 -15.70
CA ARG A 91 -28.54 10.27 -15.87
C ARG A 91 -28.31 8.82 -16.28
N SER A 92 -27.31 8.59 -17.15
CA SER A 92 -26.93 7.23 -17.58
C SER A 92 -26.34 6.40 -16.42
N TYR A 93 -25.49 7.01 -15.58
CA TYR A 93 -24.99 6.34 -14.36
C TYR A 93 -26.11 5.85 -13.44
N ALA A 94 -27.25 6.54 -13.40
CA ALA A 94 -28.33 6.17 -12.45
C ALA A 94 -28.82 4.69 -12.48
N GLY A 95 -28.60 3.99 -13.60
CA GLY A 95 -28.89 2.55 -13.69
C GLY A 95 -28.07 1.66 -12.77
N LYS A 96 -26.99 2.22 -12.20
CA LYS A 96 -26.12 1.52 -11.26
C LYS A 96 -26.79 1.32 -9.93
N ASN A 97 -27.69 2.24 -9.60
CA ASN A 97 -28.09 2.41 -8.24
C ASN A 97 -29.23 1.48 -7.80
N ALA A 98 -29.48 1.47 -6.48
CA ALA A 98 -30.60 0.74 -5.90
C ALA A 98 -31.89 1.43 -6.29
N VAL A 99 -33.02 0.81 -5.93
CA VAL A 99 -34.31 1.22 -6.50
C VAL A 99 -35.35 1.61 -5.47
N ALA A 100 -35.16 1.22 -4.21
CA ALA A 100 -36.26 1.30 -3.22
C ALA A 100 -36.89 2.69 -3.15
N TYR A 101 -36.10 3.73 -3.37
CA TYR A 101 -36.60 5.08 -3.21
C TYR A 101 -36.63 5.87 -4.52
N GLY A 102 -36.47 5.18 -5.64
CA GLY A 102 -36.55 5.80 -6.98
C GLY A 102 -35.30 5.57 -7.81
N LYS A 103 -35.40 5.81 -9.12
CA LYS A 103 -34.31 5.55 -10.06
C LYS A 103 -33.46 6.81 -10.30
N GLY A 104 -32.42 6.96 -9.49
CA GLY A 104 -31.51 8.10 -9.55
C GLY A 104 -30.19 7.69 -8.94
N THR A 105 -29.34 8.67 -8.64
CA THR A 105 -28.06 8.35 -7.99
C THR A 105 -28.24 8.53 -6.49
N TYR A 106 -27.82 7.52 -5.73
CA TYR A 106 -28.00 7.47 -4.26
C TYR A 106 -26.78 8.01 -3.55
N PHE A 107 -27.00 8.80 -2.49
CA PHE A 107 -25.92 9.36 -1.71
C PHE A 107 -26.23 9.17 -0.24
N ALA A 108 -25.26 8.65 0.52
CA ALA A 108 -25.43 8.37 1.95
C ALA A 108 -24.99 9.52 2.85
N VAL A 109 -25.80 9.76 3.87
CA VAL A 109 -25.42 10.68 4.93
C VAL A 109 -24.15 10.14 5.56
N ASN A 110 -24.11 8.86 5.87
CA ASN A 110 -22.95 8.23 6.56
C ASN A 110 -22.21 7.28 5.66
N ALA A 111 -20.89 7.20 5.87
CA ALA A 111 -20.00 6.55 4.90
C ALA A 111 -20.10 5.05 4.98
N ASN A 112 -20.43 4.51 6.15
CA ASN A 112 -20.56 3.07 6.30
C ASN A 112 -21.63 2.48 5.37
N TYR A 113 -22.69 3.22 5.13
CA TYR A 113 -23.71 2.80 4.19
C TYR A 113 -23.03 2.59 2.85
N SER A 114 -22.30 3.60 2.41
CA SER A 114 -21.54 3.53 1.16
C SER A 114 -20.41 2.50 1.14
N ALA A 115 -19.88 2.16 2.30
CA ALA A 115 -18.75 1.22 2.41
C ALA A 115 -19.18 -0.23 2.17
N ASN A 116 -20.48 -0.48 2.15
CA ASN A 116 -20.99 -1.82 1.76
C ASN A 116 -20.38 -2.34 0.43
N ASP A 117 -20.02 -3.62 0.45
CA ASP A 117 -19.29 -4.24 -0.65
C ASP A 117 -20.08 -4.23 -1.95
N THR A 118 -21.43 -4.24 -1.90
CA THR A 118 -22.21 -4.19 -3.15
C THR A 118 -22.22 -2.82 -3.78
N TYR A 119 -21.82 -1.79 -3.03
CA TYR A 119 -21.66 -0.43 -3.57
C TYR A 119 -20.22 -0.12 -3.86
N SER A 120 -19.39 -0.11 -2.83
CA SER A 120 -17.95 0.10 -3.00
C SER A 120 -17.26 -1.26 -3.21
N ARG A 121 -17.54 -1.89 -4.35
CA ARG A 121 -17.01 -3.22 -4.67
C ARG A 121 -15.48 -3.23 -4.58
N PRO A 122 -14.91 -4.18 -3.80
CA PRO A 122 -13.45 -4.23 -3.79
C PRO A 122 -12.94 -4.58 -5.18
N ASP A 123 -11.84 -3.94 -5.58
CA ASP A 123 -11.24 -4.20 -6.87
C ASP A 123 -10.31 -5.39 -6.72
N ALA A 124 -9.60 -5.73 -7.79
CA ALA A 124 -8.79 -6.94 -7.84
C ALA A 124 -7.70 -6.99 -6.77
N ASN A 125 -7.31 -5.83 -6.21
CA ASN A 125 -6.35 -5.77 -5.08
C ASN A 125 -6.99 -5.58 -3.70
N GLY A 126 -8.31 -5.74 -3.61
CA GLY A 126 -9.05 -5.57 -2.36
C GLY A 126 -9.29 -4.12 -1.95
N ARG A 127 -9.16 -3.17 -2.89
CA ARG A 127 -9.36 -1.75 -2.55
C ARG A 127 -10.76 -1.27 -2.89
N LYS A 128 -11.26 -0.40 -2.03
CA LYS A 128 -12.63 0.08 -2.07
C LYS A 128 -12.62 1.59 -2.29
N HIS A 129 -13.69 2.07 -2.91
CA HIS A 129 -13.72 3.45 -3.38
C HIS A 129 -15.03 4.13 -3.04
N VAL A 130 -14.91 5.24 -2.31
CA VAL A 130 -16.04 6.07 -1.89
C VAL A 130 -15.74 7.55 -2.13
N TYR A 131 -16.66 8.23 -2.80
CA TYR A 131 -16.54 9.68 -3.01
C TYR A 131 -17.20 10.44 -1.87
N TYR A 132 -16.68 11.61 -1.57
CA TYR A 132 -17.31 12.55 -0.64
C TYR A 132 -17.77 13.69 -1.53
N VAL A 133 -19.07 13.74 -1.73
CA VAL A 133 -19.67 14.47 -2.84
C VAL A 133 -20.43 15.70 -2.36
N ARG A 134 -20.32 16.79 -3.07
CA ARG A 134 -21.20 17.94 -2.80
C ARG A 134 -22.49 17.69 -3.56
N VAL A 135 -23.61 17.70 -2.85
CA VAL A 135 -24.90 17.37 -3.45
C VAL A 135 -25.92 18.44 -3.13
N LEU A 136 -26.58 18.94 -4.19
CA LEU A 136 -27.64 19.93 -4.04
C LEU A 136 -28.97 19.23 -3.73
N THR A 137 -29.10 18.78 -2.48
CA THR A 137 -30.29 18.09 -2.02
C THR A 137 -31.54 18.99 -1.98
N GLY A 138 -31.32 20.27 -1.71
CA GLY A 138 -32.42 21.26 -1.74
C GLY A 138 -33.58 20.97 -0.79
N ILE A 139 -34.81 20.96 -1.33
CA ILE A 139 -36.04 20.63 -0.60
C ILE A 139 -36.50 19.24 -1.02
N TYR A 140 -36.48 18.34 -0.05
CA TYR A 140 -36.72 16.92 -0.33
C TYR A 140 -38.03 16.41 0.29
N THR A 141 -38.44 15.25 -0.20
CA THR A 141 -39.62 14.52 0.29
C THR A 141 -39.32 13.04 0.26
N HIS A 142 -40.27 12.22 0.68
CA HIS A 142 -40.06 10.76 0.70
C HIS A 142 -39.98 10.23 -0.71
N GLY A 143 -39.14 9.21 -0.90
CA GLY A 143 -39.05 8.50 -2.16
C GLY A 143 -39.84 7.20 -2.14
N ASN A 144 -40.13 6.69 -3.33
CA ASN A 144 -40.66 5.33 -3.49
C ASN A 144 -40.11 4.72 -4.77
N HIS A 145 -40.35 3.41 -4.95
CA HIS A 145 -39.77 2.71 -6.08
C HIS A 145 -40.34 3.15 -7.43
N SER A 146 -41.52 3.76 -7.46
CA SER A 146 -42.08 4.16 -8.76
C SER A 146 -41.49 5.42 -9.39
N LEU A 147 -40.49 6.05 -8.78
CA LEU A 147 -40.03 7.40 -9.22
C LEU A 147 -38.84 7.42 -10.19
N ILE A 148 -38.97 8.21 -11.27
CA ILE A 148 -37.83 8.60 -12.12
C ILE A 148 -37.55 10.12 -12.12
N VAL A 149 -38.47 10.88 -11.53
CA VAL A 149 -38.29 12.31 -11.28
C VAL A 149 -38.84 12.61 -9.88
N PRO A 150 -38.38 13.71 -9.26
CA PRO A 150 -38.95 14.00 -7.96
C PRO A 150 -40.39 14.45 -8.10
N PRO A 151 -41.22 14.17 -7.08
CA PRO A 151 -42.62 14.56 -7.16
C PRO A 151 -42.78 16.07 -7.10
N SER A 152 -43.91 16.56 -7.60
CA SER A 152 -44.30 17.94 -7.41
C SER A 152 -44.77 18.10 -5.97
N LYS A 153 -44.80 19.34 -5.50
CA LYS A 153 -45.16 19.68 -4.10
C LYS A 153 -46.64 19.95 -3.88
N ASN A 154 -47.42 19.99 -4.95
CA ASN A 154 -48.85 20.29 -4.88
C ASN A 154 -49.50 19.98 -6.23
N PRO A 155 -49.90 18.70 -6.44
CA PRO A 155 -50.58 18.35 -7.69
C PRO A 155 -52.02 18.87 -7.75
N THR A 159 -46.47 22.49 -10.23
CA THR A 159 -45.28 23.06 -10.86
C THR A 159 -44.10 23.41 -9.92
N ASP A 160 -44.35 23.39 -8.62
CA ASP A 160 -43.27 23.48 -7.65
C ASP A 160 -42.84 22.00 -7.45
N LEU A 161 -41.61 21.67 -7.83
CA LEU A 161 -41.06 20.31 -7.67
C LEU A 161 -40.13 20.21 -6.47
N TYR A 162 -40.04 19.04 -5.88
CA TYR A 162 -39.00 18.79 -4.90
C TYR A 162 -37.68 18.59 -5.66
N ASP A 163 -36.56 18.90 -5.00
CA ASP A 163 -35.23 18.84 -5.60
C ASP A 163 -34.60 17.43 -5.56
N THR A 164 -34.81 16.72 -4.45
CA THR A 164 -34.36 15.32 -4.30
C THR A 164 -35.42 14.56 -3.50
N VAL A 165 -35.22 13.26 -3.35
CA VAL A 165 -36.02 12.52 -2.40
C VAL A 165 -35.12 11.83 -1.41
N THR A 166 -35.71 11.33 -0.31
CA THR A 166 -34.98 10.70 0.79
C THR A 166 -35.76 9.53 1.33
N ASP A 167 -35.14 8.79 2.23
CA ASP A 167 -35.79 7.60 2.81
C ASP A 167 -36.66 7.99 3.99
N ASN A 168 -36.40 9.15 4.55
CA ASN A 168 -37.02 9.57 5.80
C ASN A 168 -36.74 11.05 5.91
N VAL A 169 -37.77 11.88 5.77
CA VAL A 169 -37.56 13.33 5.72
C VAL A 169 -36.98 13.91 7.02
N HIS A 170 -37.34 13.35 8.16
CA HIS A 170 -36.89 13.92 9.43
C HIS A 170 -35.55 13.35 9.88
N HIS A 171 -35.34 12.05 9.64
CA HIS A 171 -34.10 11.34 10.01
C HIS A 171 -33.48 10.65 8.79
N PRO A 172 -32.92 11.45 7.86
CA PRO A 172 -32.47 10.90 6.58
C PRO A 172 -31.20 10.05 6.70
N SER A 173 -31.16 8.96 5.93
CA SER A 173 -29.95 8.19 5.79
C SER A 173 -29.43 8.29 4.36
N LEU A 174 -30.31 8.59 3.40
CA LEU A 174 -29.88 8.71 2.01
C LEU A 174 -30.65 9.79 1.27
N PHE A 175 -30.13 10.14 0.10
CA PHE A 175 -30.78 11.08 -0.78
C PHE A 175 -30.57 10.57 -2.21
N VAL A 176 -31.58 10.77 -3.05
CA VAL A 176 -31.56 10.34 -4.45
C VAL A 176 -31.70 11.59 -5.30
N ALA A 177 -30.66 11.87 -6.09
CA ALA A 177 -30.61 13.02 -7.01
C ALA A 177 -30.87 12.50 -8.40
N PHE A 178 -31.68 13.22 -9.17
CA PHE A 178 -32.11 12.74 -10.50
C PHE A 178 -31.47 13.45 -11.70
N TYR A 179 -30.85 14.59 -11.47
CA TYR A 179 -30.42 15.49 -12.57
C TYR A 179 -28.92 15.51 -12.80
N ASP A 180 -28.52 15.62 -14.07
CA ASP A 180 -27.13 15.95 -14.43
C ASP A 180 -26.65 17.19 -13.66
N TYR A 181 -25.44 17.12 -13.15
CA TYR A 181 -24.74 18.25 -12.57
C TYR A 181 -25.32 18.64 -11.23
N GLN A 182 -26.10 17.75 -10.63
CA GLN A 182 -26.71 18.03 -9.33
C GLN A 182 -25.76 17.65 -8.17
N ALA A 183 -24.63 17.05 -8.49
CA ALA A 183 -23.66 16.62 -7.48
C ALA A 183 -22.22 16.70 -8.06
N TYR A 184 -21.25 17.03 -7.22
CA TYR A 184 -19.88 17.15 -7.69
C TYR A 184 -19.02 16.20 -6.87
N PRO A 185 -18.30 15.29 -7.55
CA PRO A 185 -17.50 14.26 -6.88
C PRO A 185 -16.17 14.86 -6.41
N GLU A 186 -16.19 15.54 -5.28
CA GLU A 186 -15.06 16.39 -4.88
C GLU A 186 -13.83 15.60 -4.48
N TYR A 187 -14.04 14.56 -3.69
CA TYR A 187 -12.95 13.79 -3.12
C TYR A 187 -13.17 12.30 -3.37
N LEU A 188 -12.12 11.59 -3.78
CA LEU A 188 -12.13 10.14 -3.82
C LEU A 188 -11.35 9.58 -2.64
N ILE A 189 -11.95 8.63 -1.92
CA ILE A 189 -11.34 7.96 -0.76
C ILE A 189 -11.10 6.48 -1.10
N THR A 190 -9.85 6.04 -0.97
CA THR A 190 -9.47 4.69 -1.32
C THR A 190 -9.01 3.99 -0.04
N PHE A 191 -9.56 2.80 0.21
CA PHE A 191 -9.41 2.14 1.52
C PHE A 191 -9.57 0.64 1.41
N ARG A 192 -9.33 -0.06 2.51
CA ARG A 192 -9.46 -1.53 2.57
C ARG A 192 -9.80 -2.01 3.98
N LYS A 193 -10.32 -3.22 4.08
CA LYS A 193 -10.77 -3.83 5.35
C LYS A 193 -9.72 -3.89 6.44
N LYS B 5 29.72 -5.49 17.83
CA LYS B 5 29.32 -5.43 19.27
C LYS B 5 27.80 -5.29 19.43
N GLN B 6 27.24 -4.10 19.15
CA GLN B 6 25.80 -3.87 19.34
C GLN B 6 24.91 -4.53 18.27
N GLN B 7 25.45 -4.75 17.08
CA GLN B 7 24.67 -5.23 15.94
C GLN B 7 23.45 -4.34 15.63
N ASN B 8 23.61 -3.05 15.82
CA ASN B 8 22.62 -2.09 15.36
C ASN B 8 22.47 -2.21 13.86
N PHE B 9 21.31 -1.78 13.37
CA PHE B 9 20.98 -1.88 11.95
C PHE B 9 20.09 -0.75 11.40
N CYS B 10 20.11 -0.64 10.08
CA CYS B 10 19.26 0.29 9.34
C CYS B 10 18.49 -0.46 8.27
N VAL B 11 17.29 0.03 7.97
CA VAL B 11 16.43 -0.59 7.00
C VAL B 11 16.20 0.39 5.85
N VAL B 12 16.77 0.09 4.69
CA VAL B 12 16.68 0.94 3.52
C VAL B 12 15.72 0.30 2.52
N GLU B 13 14.64 1.01 2.20
CA GLU B 13 13.72 0.55 1.18
C GLU B 13 14.35 0.71 -0.22
N LEU B 14 14.24 -0.34 -1.05
CA LEU B 14 14.63 -0.29 -2.46
C LEU B 14 13.46 0.16 -3.37
N LEU B 15 13.70 1.18 -4.17
CA LEU B 15 12.70 1.69 -5.11
C LEU B 15 12.46 0.68 -6.25
N PRO B 16 11.21 0.57 -6.73
CA PRO B 16 10.92 -0.41 -7.80
C PRO B 16 11.55 -0.10 -9.18
N SER B 17 12.10 1.10 -9.36
CA SER B 17 12.94 1.40 -10.52
C SER B 17 14.41 0.96 -10.38
N ASP B 18 14.82 0.56 -9.17
CA ASP B 18 16.20 0.11 -8.91
C ASP B 18 16.47 -1.26 -9.53
N PRO B 19 17.58 -1.39 -10.31
CA PRO B 19 17.95 -2.74 -10.80
C PRO B 19 18.08 -3.80 -9.70
N GLU B 20 18.62 -3.42 -8.54
CA GLU B 20 18.77 -4.33 -7.42
C GLU B 20 17.39 -4.81 -6.97
N TYR B 21 16.40 -3.95 -7.07
CA TYR B 21 15.02 -4.33 -6.74
C TYR B 21 14.52 -5.41 -7.68
N ASN B 22 14.71 -5.18 -8.98
CA ASN B 22 14.30 -6.15 -10.00
C ASN B 22 14.97 -7.48 -9.80
N THR B 23 16.22 -7.47 -9.36
CA THR B 23 16.94 -8.72 -9.18
C THR B 23 16.22 -9.54 -8.10
N VAL B 24 16.06 -8.92 -6.92
CA VAL B 24 15.44 -9.61 -5.77
C VAL B 24 14.02 -10.04 -6.11
N ALA B 25 13.26 -9.12 -6.71
CA ALA B 25 11.86 -9.41 -7.11
C ALA B 25 11.75 -10.64 -7.99
N SER B 26 12.65 -10.75 -8.95
CA SER B 26 12.67 -11.88 -9.90
C SER B 26 12.84 -13.24 -9.23
N LYS B 27 13.71 -13.32 -8.24
CA LYS B 27 13.98 -14.59 -7.57
C LYS B 27 12.74 -15.05 -6.85
N PHE B 28 12.12 -14.11 -6.14
CA PHE B 28 10.85 -14.32 -5.48
C PHE B 28 9.77 -14.67 -6.49
N ASN B 29 9.76 -13.91 -7.58
CA ASN B 29 8.76 -14.08 -8.63
C ASN B 29 8.86 -15.39 -9.38
N GLN B 30 10.02 -16.03 -9.33
CA GLN B 30 10.22 -17.35 -9.90
C GLN B 30 9.12 -18.33 -9.48
N THR B 31 8.71 -18.29 -8.21
CA THR B 31 7.64 -19.17 -7.69
C THR B 31 6.40 -18.40 -7.14
N CYS B 32 6.54 -17.10 -6.93
CA CYS B 32 5.48 -16.33 -6.24
C CYS B 32 4.94 -15.17 -7.06
N SER B 33 4.89 -15.30 -8.37
CA SER B 33 4.50 -14.17 -9.22
C SER B 33 3.01 -13.84 -9.07
N HIS B 34 2.24 -14.76 -8.53
CA HIS B 34 0.83 -14.46 -8.14
C HIS B 34 0.65 -13.44 -7.00
N PHE B 35 1.68 -13.23 -6.16
CA PHE B 35 1.60 -12.23 -5.09
C PHE B 35 1.93 -10.82 -5.56
N ARG B 36 1.44 -9.83 -4.83
CA ARG B 36 1.86 -8.44 -5.03
C ARG B 36 2.87 -8.05 -3.98
N ILE B 37 4.05 -7.67 -4.44
CA ILE B 37 5.07 -7.12 -3.56
C ILE B 37 4.70 -5.69 -3.24
N GLU B 38 4.78 -5.31 -1.97
CA GLU B 38 4.60 -3.90 -1.59
C GLU B 38 5.90 -3.20 -1.32
N LYS B 39 6.86 -3.92 -0.76
CA LYS B 39 8.19 -3.36 -0.64
C LYS B 39 9.29 -4.39 -0.51
N ILE B 40 10.45 -4.03 -1.03
CA ILE B 40 11.68 -4.75 -0.78
C ILE B 40 12.58 -3.80 -0.02
N GLU B 41 13.17 -4.28 1.06
CA GLU B 41 14.10 -3.52 1.90
C GLU B 41 15.44 -4.27 2.07
N ARG B 42 16.53 -3.52 2.06
CA ARG B 42 17.82 -4.07 2.44
C ARG B 42 18.06 -3.83 3.92
N ILE B 43 18.47 -4.89 4.62
CA ILE B 43 18.86 -4.81 6.03
C ILE B 43 20.35 -4.55 6.10
N GLN B 44 20.74 -3.38 6.62
CA GLN B 44 22.14 -3.01 6.73
C GLN B 44 22.57 -3.18 8.18
N ASN B 45 23.33 -4.24 8.46
CA ASN B 45 23.80 -4.50 9.83
C ASN B 45 25.29 -4.85 9.76
N PRO B 46 26.15 -3.84 9.92
CA PRO B 46 27.58 -4.04 9.73
C PRO B 46 28.21 -5.12 10.63
N ASP B 47 27.85 -5.16 11.90
CA ASP B 47 28.47 -6.13 12.79
C ASP B 47 28.04 -7.53 12.38
N LEU B 48 26.75 -7.68 12.05
CA LEU B 48 26.21 -8.98 11.69
C LEU B 48 26.76 -9.46 10.34
N TRP B 49 26.99 -8.51 9.43
CA TRP B 49 27.61 -8.78 8.15
C TRP B 49 29.06 -9.23 8.30
N ASN B 50 29.84 -8.54 9.12
CA ASN B 50 31.24 -8.88 9.31
C ASN B 50 31.37 -10.25 9.96
N SER B 51 30.51 -10.54 10.93
CA SER B 51 30.52 -11.85 11.58
C SER B 51 30.14 -12.92 10.58
N TYR B 52 29.13 -12.63 9.76
CA TYR B 52 28.72 -13.55 8.70
C TYR B 52 29.82 -13.79 7.70
N GLN B 53 30.49 -12.73 7.27
CA GLN B 53 31.59 -12.84 6.33
C GLN B 53 32.81 -13.54 6.93
N ALA B 54 33.09 -13.39 8.22
CA ALA B 54 34.21 -14.15 8.83
C ALA B 54 33.94 -15.65 8.79
N LYS B 55 32.68 -16.00 9.01
CA LYS B 55 32.21 -17.37 8.89
C LYS B 55 32.34 -17.86 7.44
N LYS B 56 31.99 -17.02 6.49
CA LYS B 56 32.10 -17.39 5.08
C LYS B 56 33.55 -17.67 4.73
N LYS B 57 34.41 -16.72 5.04
CA LYS B 57 35.84 -16.83 4.82
C LYS B 57 36.40 -18.18 5.32
N THR B 58 36.16 -18.51 6.57
CA THR B 58 36.69 -19.77 7.12
C THR B 58 36.06 -20.97 6.41
N MET B 59 34.78 -20.90 6.03
CA MET B 59 34.15 -22.02 5.35
C MET B 59 34.65 -22.17 3.89
N ASP B 60 34.91 -21.04 3.24
CA ASP B 60 35.44 -21.03 1.89
C ASP B 60 36.86 -21.61 1.84
N ALA B 61 37.61 -21.45 2.93
CA ALA B 61 38.97 -22.00 3.06
C ALA B 61 38.95 -23.50 3.35
N LYS B 62 37.79 -24.03 3.70
CA LYS B 62 37.63 -25.41 4.08
C LYS B 62 37.00 -26.31 3.00
N ASN B 63 36.07 -25.78 2.21
CA ASN B 63 35.24 -26.64 1.37
C ASN B 63 35.57 -26.68 -0.11
N GLY B 64 36.73 -26.15 -0.47
CA GLY B 64 37.22 -26.27 -1.82
C GLY B 64 36.36 -25.57 -2.86
N GLN B 65 35.80 -26.35 -3.78
CA GLN B 65 35.04 -25.83 -4.91
C GLN B 65 33.58 -25.60 -4.60
N THR B 66 33.17 -25.98 -3.40
CA THR B 66 31.79 -25.85 -2.97
C THR B 66 31.40 -24.38 -2.97
N MET B 67 30.28 -24.07 -3.60
CA MET B 67 29.64 -22.76 -3.43
C MET B 67 28.91 -22.85 -2.09
N ASN B 68 29.58 -22.33 -1.06
CA ASN B 68 29.11 -22.45 0.31
C ASN B 68 27.88 -21.62 0.63
N GLU B 69 27.64 -20.60 -0.16
CA GLU B 69 26.55 -19.67 0.08
C GLU B 69 25.43 -19.91 -0.90
N LYS B 70 24.23 -20.09 -0.37
CA LYS B 70 23.03 -20.10 -1.19
C LYS B 70 22.13 -18.97 -0.74
N GLN B 71 21.41 -18.39 -1.70
CA GLN B 71 20.42 -17.40 -1.41
C GLN B 71 19.08 -18.13 -1.34
N LEU B 72 18.47 -18.08 -0.15
CA LEU B 72 17.30 -18.88 0.18
C LEU B 72 16.24 -18.00 0.83
N PHE B 73 15.05 -18.53 0.99
CA PHE B 73 13.95 -17.76 1.52
C PHE B 73 13.61 -18.18 2.95
N HIS B 74 13.04 -17.25 3.70
CA HIS B 74 12.52 -17.54 5.02
C HIS B 74 11.30 -16.71 5.33
N GLY B 75 10.14 -17.35 5.41
CA GLY B 75 8.93 -16.67 5.80
C GLY B 75 8.87 -16.67 7.30
N THR B 76 8.53 -15.53 7.88
CA THR B 76 8.34 -15.44 9.32
C THR B 76 7.25 -14.42 9.58
N ASP B 77 6.87 -14.29 10.86
CA ASP B 77 5.85 -13.34 11.26
C ASP B 77 6.46 -11.96 11.45
N ALA B 78 5.63 -10.91 11.30
CA ALA B 78 6.14 -9.54 11.41
C ALA B 78 6.88 -9.33 12.73
N GLY B 79 6.38 -9.95 13.79
CA GLY B 79 6.96 -9.79 15.12
C GLY B 79 8.37 -10.32 15.31
N SER B 80 8.81 -11.20 14.41
CA SER B 80 10.18 -11.72 14.43
C SER B 80 11.19 -10.79 13.74
N VAL B 81 10.71 -9.89 12.89
CA VAL B 81 11.56 -9.08 12.03
C VAL B 81 12.58 -8.18 12.76
N PRO B 82 12.17 -7.54 13.87
CA PRO B 82 13.17 -6.77 14.58
C PRO B 82 14.26 -7.66 15.15
N HIS B 83 13.89 -8.82 15.67
CA HIS B 83 14.89 -9.73 16.25
C HIS B 83 15.86 -10.20 15.18
N VAL B 84 15.32 -10.63 14.04
CA VAL B 84 16.15 -11.11 12.95
C VAL B 84 17.05 -9.98 12.41
N ASN B 85 16.48 -8.79 12.25
CA ASN B 85 17.26 -7.67 11.73
C ASN B 85 18.53 -7.43 12.56
N ARG B 86 18.44 -7.70 13.86
CA ARG B 86 19.55 -7.42 14.79
C ARG B 86 20.47 -8.61 14.92
N ASN B 87 19.86 -9.75 15.17
CA ASN B 87 20.56 -10.94 15.61
C ASN B 87 20.74 -12.01 14.54
N GLY B 88 20.19 -11.77 13.36
CA GLY B 88 20.11 -12.83 12.38
C GLY B 88 19.19 -13.96 12.87
N PHE B 89 19.41 -15.14 12.31
CA PHE B 89 18.67 -16.32 12.70
C PHE B 89 19.50 -17.06 13.72
N ASN B 90 19.54 -16.53 14.93
CA ASN B 90 20.41 -17.05 15.96
C ASN B 90 19.78 -18.22 16.73
N ARG B 91 20.44 -18.69 17.78
CA ARG B 91 20.02 -19.96 18.41
C ARG B 91 18.67 -19.91 19.15
N SER B 92 18.38 -18.79 19.81
CA SER B 92 17.05 -18.58 20.42
C SER B 92 15.91 -18.50 19.40
N TYR B 93 16.21 -18.12 18.15
CA TYR B 93 15.20 -18.07 17.09
C TYR B 93 14.74 -19.48 16.65
N ALA B 94 15.59 -20.49 16.84
CA ALA B 94 15.22 -21.88 16.51
C ALA B 94 13.74 -22.18 16.85
N GLY B 95 12.93 -22.38 15.79
CA GLY B 95 11.47 -22.48 15.91
C GLY B 95 10.73 -22.12 14.64
N ALA B 98 9.77 -25.38 12.24
CA ALA B 98 9.51 -26.79 12.01
C ALA B 98 10.54 -27.63 12.74
N VAL B 99 10.26 -28.93 12.85
CA VAL B 99 11.18 -29.86 13.52
C VAL B 99 11.56 -31.10 12.67
N ALA B 100 10.85 -31.33 11.58
CA ALA B 100 10.93 -32.57 10.80
C ALA B 100 12.38 -32.98 10.40
N TYR B 101 13.25 -32.00 10.18
CA TYR B 101 14.64 -32.26 9.75
C TYR B 101 15.68 -31.73 10.71
N GLY B 102 15.23 -31.34 11.91
CA GLY B 102 16.12 -30.96 13.01
C GLY B 102 15.75 -29.62 13.61
N LYS B 103 16.39 -29.31 14.74
CA LYS B 103 16.10 -28.07 15.48
C LYS B 103 17.09 -26.94 15.19
N GLY B 104 16.67 -26.03 14.32
CA GLY B 104 17.53 -24.99 13.80
C GLY B 104 16.64 -24.11 12.95
N THR B 105 17.21 -23.22 12.17
CA THR B 105 16.39 -22.31 11.36
C THR B 105 16.19 -22.87 9.95
N TYR B 106 14.96 -22.76 9.43
CA TYR B 106 14.55 -23.37 8.16
C TYR B 106 14.49 -22.37 7.01
N PHE B 107 15.05 -22.75 5.85
CA PHE B 107 15.13 -21.91 4.65
C PHE B 107 14.73 -22.72 3.41
N ALA B 108 13.92 -22.14 2.55
CA ALA B 108 13.45 -22.77 1.33
C ALA B 108 14.25 -22.34 0.10
N VAL B 109 14.36 -23.24 -0.86
CA VAL B 109 14.97 -22.93 -2.14
C VAL B 109 14.00 -22.06 -2.92
N ASN B 110 12.70 -22.34 -2.81
CA ASN B 110 11.67 -21.60 -3.57
C ASN B 110 10.81 -20.76 -2.65
N ALA B 111 10.44 -19.57 -3.11
CA ALA B 111 9.71 -18.61 -2.27
C ALA B 111 8.33 -19.11 -1.87
N ASN B 112 7.68 -19.88 -2.73
CA ASN B 112 6.31 -20.32 -2.47
C ASN B 112 6.24 -21.22 -1.26
N TYR B 113 7.31 -21.96 -0.99
CA TYR B 113 7.38 -22.71 0.27
C TYR B 113 7.27 -21.73 1.45
N SER B 114 8.10 -20.69 1.44
CA SER B 114 8.09 -19.71 2.52
C SER B 114 6.81 -18.86 2.57
N ALA B 115 6.20 -18.69 1.39
CA ALA B 115 4.95 -17.94 1.27
C ALA B 115 3.77 -18.59 1.97
N ASN B 116 3.94 -19.83 2.42
CA ASN B 116 2.90 -20.50 3.20
C ASN B 116 2.51 -19.72 4.46
N ASP B 117 1.21 -19.65 4.74
CA ASP B 117 0.70 -18.85 5.86
C ASP B 117 1.21 -19.34 7.22
N THR B 118 1.50 -20.63 7.35
CA THR B 118 2.10 -21.14 8.60
C THR B 118 3.43 -20.49 8.91
N TYR B 119 4.06 -19.87 7.91
CA TYR B 119 5.39 -19.28 8.10
C TYR B 119 5.32 -17.77 7.98
N SER B 120 4.97 -17.29 6.78
CA SER B 120 4.86 -15.86 6.52
C SER B 120 3.42 -15.43 6.86
N ARG B 121 3.11 -15.59 8.15
CA ARG B 121 1.76 -15.37 8.69
C ARG B 121 1.35 -13.92 8.40
N PRO B 122 0.20 -13.73 7.74
CA PRO B 122 -0.28 -12.37 7.50
C PRO B 122 -0.40 -11.55 8.81
N ASP B 123 0.05 -10.31 8.80
CA ASP B 123 -0.10 -9.43 9.98
C ASP B 123 -1.52 -8.85 10.03
N ALA B 124 -1.81 -8.02 11.02
CA ALA B 124 -3.15 -7.43 11.19
C ALA B 124 -3.68 -6.77 9.91
N ASN B 125 -2.77 -6.19 9.11
CA ASN B 125 -3.12 -5.61 7.79
C ASN B 125 -3.08 -6.55 6.60
N GLY B 126 -2.89 -7.84 6.83
CA GLY B 126 -2.82 -8.81 5.72
C GLY B 126 -1.49 -8.83 4.96
N ARG B 127 -0.44 -8.29 5.56
CA ARG B 127 0.87 -8.21 4.89
C ARG B 127 1.73 -9.37 5.32
N LYS B 128 2.44 -9.96 4.36
CA LYS B 128 3.27 -11.11 4.59
C LYS B 128 4.73 -10.80 4.39
N HIS B 129 5.57 -11.46 5.18
CA HIS B 129 6.99 -11.15 5.21
C HIS B 129 7.82 -12.39 4.96
N VAL B 130 8.63 -12.34 3.89
CA VAL B 130 9.66 -13.34 3.62
C VAL B 130 11.01 -12.66 3.39
N TYR B 131 12.07 -13.18 4.03
CA TYR B 131 13.44 -12.75 3.75
C TYR B 131 14.06 -13.57 2.62
N TYR B 132 14.94 -12.93 1.86
CA TYR B 132 15.84 -13.56 0.89
C TYR B 132 17.23 -13.47 1.50
N VAL B 133 17.74 -14.60 1.96
CA VAL B 133 18.82 -14.66 2.92
C VAL B 133 20.06 -15.30 2.27
N ARG B 134 21.24 -14.78 2.58
CA ARG B 134 22.50 -15.50 2.29
C ARG B 134 22.73 -16.51 3.38
N VAL B 135 22.75 -17.79 3.01
CA VAL B 135 22.93 -18.87 3.96
C VAL B 135 24.12 -19.77 3.61
N LEU B 136 24.96 -20.02 4.61
CA LEU B 136 26.14 -20.84 4.41
C LEU B 136 25.79 -22.32 4.50
N THR B 137 25.13 -22.83 3.47
CA THR B 137 24.70 -24.22 3.46
C THR B 137 25.90 -25.18 3.42
N GLY B 138 26.99 -24.74 2.79
CA GLY B 138 28.23 -25.48 2.76
C GLY B 138 28.03 -26.90 2.23
N ILE B 139 28.53 -27.88 2.98
CA ILE B 139 28.41 -29.29 2.65
C ILE B 139 27.38 -29.91 3.57
N TYR B 140 26.30 -30.41 2.98
CA TYR B 140 25.14 -30.83 3.75
C TYR B 140 24.79 -32.31 3.59
N THR B 141 24.02 -32.81 4.56
CA THR B 141 23.53 -34.19 4.56
C THR B 141 22.03 -34.20 4.87
N HIS B 142 21.44 -35.39 4.92
CA HIS B 142 20.00 -35.49 5.20
C HIS B 142 19.73 -35.16 6.65
N GLY B 143 18.67 -34.42 6.91
CA GLY B 143 18.27 -34.15 8.29
C GLY B 143 17.28 -35.18 8.83
N ASN B 144 17.02 -35.13 10.13
CA ASN B 144 15.95 -35.91 10.74
C ASN B 144 15.49 -35.19 12.00
N HIS B 145 14.37 -35.62 12.56
CA HIS B 145 13.74 -34.94 13.69
C HIS B 145 14.52 -34.96 15.01
N SER B 146 15.57 -35.76 15.11
CA SER B 146 16.31 -35.95 16.34
C SER B 146 17.46 -34.95 16.52
N LEU B 147 17.73 -34.17 15.47
CA LEU B 147 18.99 -33.40 15.39
C LEU B 147 18.90 -32.06 16.08
N ILE B 148 19.96 -31.72 16.78
CA ILE B 148 20.16 -30.38 17.37
C ILE B 148 21.37 -29.69 16.80
N VAL B 149 22.31 -30.48 16.30
CA VAL B 149 23.48 -29.98 15.58
C VAL B 149 23.62 -30.87 14.36
N PRO B 150 24.43 -30.44 13.38
CA PRO B 150 24.57 -31.29 12.20
C PRO B 150 25.38 -32.51 12.53
N PRO B 151 25.17 -33.61 11.79
CA PRO B 151 25.92 -34.81 12.07
C PRO B 151 27.38 -34.66 11.71
N SER B 152 28.22 -35.49 12.32
CA SER B 152 29.62 -35.62 11.93
C SER B 152 29.68 -36.40 10.62
N LYS B 153 30.80 -36.27 9.90
CA LYS B 153 30.94 -36.95 8.60
C LYS B 153 31.28 -38.43 8.84
N ASN B 154 32.13 -38.67 9.84
CA ASN B 154 32.51 -40.01 10.26
C ASN B 154 32.28 -40.19 11.76
N PRO B 155 31.18 -40.86 12.15
CA PRO B 155 30.93 -41.03 13.58
C PRO B 155 31.96 -41.89 14.32
N GLN B 156 32.65 -42.80 13.63
CA GLN B 156 33.76 -43.56 14.21
C GLN B 156 34.95 -42.64 14.60
N ASN B 157 35.08 -41.48 13.96
CA ASN B 157 36.17 -40.54 14.28
C ASN B 157 35.70 -39.09 14.11
N PRO B 158 34.68 -38.68 14.89
CA PRO B 158 33.86 -37.49 14.64
C PRO B 158 34.57 -36.15 14.84
N THR B 159 35.55 -35.89 14.00
CA THR B 159 36.29 -34.63 14.05
C THR B 159 35.93 -33.64 12.94
N ASP B 160 35.06 -34.03 12.01
CA ASP B 160 34.57 -33.08 11.00
C ASP B 160 33.06 -33.18 10.82
N LEU B 161 32.43 -32.02 10.66
CA LEU B 161 30.98 -31.87 10.72
C LEU B 161 30.45 -31.41 9.40
N TYR B 162 29.27 -31.89 9.05
CA TYR B 162 28.49 -31.32 7.96
C TYR B 162 28.14 -29.89 8.39
N ASP B 163 27.93 -29.00 7.45
CA ASP B 163 27.63 -27.58 7.75
C ASP B 163 26.13 -27.31 7.97
N THR B 164 25.31 -27.94 7.14
CA THR B 164 23.85 -27.86 7.27
C THR B 164 23.22 -29.23 6.97
N VAL B 165 21.92 -29.35 7.17
CA VAL B 165 21.21 -30.54 6.77
C VAL B 165 20.10 -30.14 5.82
N THR B 166 19.62 -31.08 5.04
CA THR B 166 18.54 -30.85 4.09
C THR B 166 17.49 -31.95 4.17
N ASP B 167 16.39 -31.77 3.46
CA ASP B 167 15.36 -32.78 3.35
C ASP B 167 15.73 -33.86 2.36
N ASN B 168 16.62 -33.52 1.42
CA ASN B 168 16.91 -34.34 0.26
C ASN B 168 18.20 -33.81 -0.39
N VAL B 169 19.31 -34.53 -0.23
CA VAL B 169 20.61 -33.98 -0.64
C VAL B 169 20.65 -33.63 -2.12
N HIS B 170 20.20 -34.51 -2.99
CA HIS B 170 20.37 -34.29 -4.41
C HIS B 170 19.24 -33.47 -5.03
N HIS B 171 18.10 -33.40 -4.35
CA HIS B 171 17.01 -32.55 -4.79
C HIS B 171 16.33 -31.82 -3.59
N PRO B 172 17.01 -30.79 -3.04
CA PRO B 172 16.58 -30.12 -1.82
C PRO B 172 15.43 -29.13 -2.01
N SER B 173 14.51 -29.13 -1.06
CA SER B 173 13.51 -28.09 -0.98
C SER B 173 13.82 -27.09 0.14
N LEU B 174 14.66 -27.52 1.10
CA LEU B 174 14.91 -26.76 2.31
C LEU B 174 16.27 -27.10 2.93
N PHE B 175 16.73 -26.19 3.78
CA PHE B 175 17.99 -26.34 4.48
C PHE B 175 17.79 -25.86 5.90
N VAL B 176 18.41 -26.57 6.83
CA VAL B 176 18.38 -26.20 8.23
C VAL B 176 19.76 -25.75 8.69
N ALA B 177 19.88 -24.52 9.22
CA ALA B 177 21.16 -24.07 9.81
C ALA B 177 21.04 -23.99 11.33
N PHE B 178 22.13 -24.32 12.02
CA PHE B 178 22.14 -24.48 13.47
C PHE B 178 22.93 -23.42 14.21
N TYR B 179 23.74 -22.65 13.50
CA TYR B 179 24.71 -21.77 14.12
C TYR B 179 24.38 -20.29 13.98
N ASP B 180 24.69 -19.53 15.03
CA ASP B 180 24.68 -18.08 14.96
C ASP B 180 25.62 -17.62 13.84
N TYR B 181 25.24 -16.54 13.18
CA TYR B 181 26.07 -15.96 12.11
C TYR B 181 26.20 -16.81 10.85
N GLN B 182 25.37 -17.84 10.71
CA GLN B 182 25.45 -18.72 9.58
C GLN B 182 24.63 -18.21 8.38
N ALA B 183 23.80 -17.20 8.64
CA ALA B 183 22.87 -16.70 7.66
C ALA B 183 22.71 -15.20 7.89
N TYR B 184 22.56 -14.47 6.82
CA TYR B 184 22.45 -13.03 6.90
C TYR B 184 21.16 -12.64 6.21
N PRO B 185 20.26 -11.95 6.93
CA PRO B 185 18.93 -11.62 6.42
C PRO B 185 18.99 -10.39 5.52
N GLU B 186 19.57 -10.54 4.35
CA GLU B 186 19.95 -9.40 3.50
C GLU B 186 18.77 -8.53 3.03
N TYR B 187 17.69 -9.17 2.61
CA TYR B 187 16.54 -8.47 2.05
C TYR B 187 15.27 -8.98 2.69
N LEU B 188 14.32 -8.06 2.90
CA LEU B 188 12.98 -8.40 3.39
C LEU B 188 11.90 -8.02 2.37
N ILE B 189 11.07 -9.00 2.03
CA ILE B 189 10.06 -8.81 1.03
C ILE B 189 8.72 -8.80 1.74
N THR B 190 7.99 -7.69 1.58
CA THR B 190 6.69 -7.53 2.19
C THR B 190 5.69 -7.54 1.08
N PHE B 191 4.70 -8.42 1.18
CA PHE B 191 3.79 -8.65 0.08
C PHE B 191 2.43 -9.07 0.55
N ARG B 192 1.57 -9.38 -0.42
CA ARG B 192 0.14 -9.45 -0.22
C ARG B 192 -0.41 -10.39 -1.27
N LYS B 193 -1.39 -11.21 -0.86
CA LYS B 193 -2.08 -12.15 -1.78
C LYS B 193 -3.23 -11.50 -2.57
N LYS C 5 7.99 11.86 -7.10
CA LYS C 5 7.48 11.04 -5.97
C LYS C 5 6.00 10.71 -6.21
N GLN C 6 5.12 11.71 -6.07
CA GLN C 6 3.67 11.49 -6.16
C GLN C 6 3.23 11.53 -7.64
N GLN C 7 2.77 10.42 -8.19
CA GLN C 7 2.36 10.38 -9.62
C GLN C 7 0.91 10.88 -9.85
N ASN C 8 0.68 12.20 -9.69
CA ASN C 8 -0.62 12.84 -10.01
C ASN C 8 -0.78 13.04 -11.52
N PHE C 9 -2.02 13.08 -12.00
CA PHE C 9 -2.25 13.00 -13.43
C PHE C 9 -3.50 13.72 -13.90
N CYS C 10 -3.53 13.99 -15.21
CA CYS C 10 -4.71 14.50 -15.89
C CYS C 10 -5.12 13.54 -17.03
N VAL C 11 -6.40 13.60 -17.36
CA VAL C 11 -6.99 12.81 -18.42
C VAL C 11 -7.65 13.77 -19.42
N VAL C 12 -7.07 13.84 -20.62
CA VAL C 12 -7.50 14.78 -21.64
C VAL C 12 -8.16 13.99 -22.73
N GLU C 13 -9.46 14.21 -22.92
CA GLU C 13 -10.16 13.56 -24.02
C GLU C 13 -9.77 14.28 -25.29
N LEU C 14 -9.49 13.54 -26.35
CA LEU C 14 -9.12 14.14 -27.62
C LEU C 14 -10.31 14.20 -28.57
N LEU C 15 -10.38 15.27 -29.33
CA LEU C 15 -11.42 15.41 -30.35
C LEU C 15 -11.03 14.56 -31.54
N PRO C 16 -12.02 13.96 -32.19
CA PRO C 16 -11.74 13.13 -33.34
C PRO C 16 -10.86 13.79 -34.41
N SER C 17 -10.94 15.11 -34.53
CA SER C 17 -10.19 15.83 -35.54
C SER C 17 -8.75 16.13 -35.11
N ASP C 18 -8.41 15.80 -33.87
CA ASP C 18 -7.06 16.02 -33.37
C ASP C 18 -6.10 15.03 -34.06
N PRO C 19 -4.93 15.50 -34.53
CA PRO C 19 -4.05 14.57 -35.23
C PRO C 19 -3.62 13.36 -34.38
N GLU C 20 -3.57 13.51 -33.06
CA GLU C 20 -3.22 12.38 -32.19
C GLU C 20 -4.36 11.35 -32.14
N TYR C 21 -5.61 11.82 -32.03
CA TYR C 21 -6.75 10.92 -32.12
C TYR C 21 -6.67 10.16 -33.45
N ASN C 22 -6.39 10.87 -34.53
CA ASN C 22 -6.34 10.25 -35.84
C ASN C 22 -5.36 9.08 -35.87
N THR C 23 -4.16 9.31 -35.37
CA THR C 23 -3.11 8.28 -35.39
C THR C 23 -3.55 7.02 -34.62
N VAL C 24 -4.03 7.23 -33.41
CA VAL C 24 -4.42 6.10 -32.57
C VAL C 24 -5.64 5.35 -33.12
N ALA C 25 -6.60 6.10 -33.66
CA ALA C 25 -7.84 5.50 -34.13
C ALA C 25 -7.57 4.71 -35.40
N SER C 26 -6.77 5.29 -36.28
CA SER C 26 -6.35 4.63 -37.51
C SER C 26 -5.63 3.31 -37.29
N LYS C 27 -4.73 3.30 -36.32
CA LYS C 27 -3.92 2.13 -35.99
C LYS C 27 -4.81 1.02 -35.40
N PHE C 28 -5.58 1.36 -34.39
CA PHE C 28 -6.60 0.49 -33.82
C PHE C 28 -7.48 -0.14 -34.91
N ASN C 29 -8.06 0.72 -35.75
CA ASN C 29 -9.04 0.29 -36.75
C ASN C 29 -8.46 -0.66 -37.79
N GLN C 30 -7.15 -0.68 -37.93
CA GLN C 30 -6.50 -1.63 -38.83
C GLN C 30 -6.91 -3.09 -38.60
N THR C 31 -7.03 -3.49 -37.32
CA THR C 31 -7.42 -4.85 -37.00
C THR C 31 -8.73 -4.95 -36.19
N CYS C 32 -9.27 -3.82 -35.74
CA CYS C 32 -10.47 -3.81 -34.90
C CYS C 32 -11.59 -2.94 -35.46
N SER C 33 -11.78 -2.97 -36.78
CA SER C 33 -12.77 -2.11 -37.45
C SER C 33 -14.21 -2.51 -37.12
N HIS C 34 -14.42 -3.67 -36.54
CA HIS C 34 -15.77 -4.07 -36.13
C HIS C 34 -16.27 -3.39 -34.85
N PHE C 35 -15.41 -2.67 -34.11
CA PHE C 35 -15.84 -1.92 -32.93
C PHE C 35 -16.12 -0.46 -33.25
N ARG C 36 -16.82 0.21 -32.33
CA ARG C 36 -17.11 1.64 -32.43
C ARG C 36 -16.38 2.37 -31.30
N ILE C 37 -15.43 3.24 -31.64
CA ILE C 37 -14.68 4.02 -30.66
C ILE C 37 -15.54 5.13 -30.10
N GLU C 38 -15.57 5.24 -28.78
CA GLU C 38 -16.32 6.31 -28.13
C GLU C 38 -15.44 7.46 -27.67
N LYS C 39 -14.24 7.13 -27.22
CA LYS C 39 -13.26 8.16 -26.92
C LYS C 39 -11.83 7.64 -26.90
N ILE C 40 -10.92 8.55 -27.22
CA ILE C 40 -9.51 8.33 -26.98
C ILE C 40 -9.08 9.44 -26.04
N GLU C 41 -8.40 9.08 -24.96
CA GLU C 41 -7.89 10.04 -23.97
C GLU C 41 -6.37 9.96 -23.88
N ARG C 42 -5.73 11.12 -23.78
CA ARG C 42 -4.33 11.18 -23.43
C ARG C 42 -4.22 11.20 -21.90
N ILE C 43 -3.36 10.32 -21.38
CA ILE C 43 -3.05 10.26 -19.93
C ILE C 43 -1.73 11.01 -19.70
N GLN C 44 -1.82 12.08 -18.92
CA GLN C 44 -0.71 12.98 -18.64
C GLN C 44 -0.32 12.86 -17.18
N ASN C 45 0.79 12.16 -16.94
CA ASN C 45 1.27 11.91 -15.60
C ASN C 45 2.78 12.16 -15.61
N PRO C 46 3.19 13.40 -15.28
CA PRO C 46 4.58 13.84 -15.28
C PRO C 46 5.58 12.91 -14.56
N ASP C 47 5.24 12.44 -13.37
CA ASP C 47 6.20 11.63 -12.64
C ASP C 47 6.37 10.24 -13.25
N LEU C 48 5.27 9.64 -13.68
CA LEU C 48 5.32 8.34 -14.33
C LEU C 48 6.02 8.47 -15.69
N TRP C 49 5.86 9.62 -16.32
CA TRP C 49 6.48 9.88 -17.59
C TRP C 49 7.99 10.14 -17.44
N ASN C 50 8.38 10.83 -16.37
CA ASN C 50 9.79 11.05 -16.05
C ASN C 50 10.51 9.77 -15.71
N SER C 51 9.83 8.89 -14.99
CA SER C 51 10.41 7.59 -14.65
C SER C 51 10.56 6.69 -15.86
N TYR C 52 9.55 6.72 -16.75
CA TYR C 52 9.62 6.00 -18.01
C TYR C 52 10.77 6.54 -18.84
N GLN C 53 10.90 7.87 -18.91
CA GLN C 53 11.97 8.50 -19.69
C GLN C 53 13.39 8.22 -19.14
N ALA C 54 13.53 8.00 -17.83
CA ALA C 54 14.86 7.73 -17.27
C ALA C 54 15.27 6.29 -17.64
N LYS C 55 14.31 5.37 -17.63
CA LYS C 55 14.56 3.99 -18.13
C LYS C 55 14.87 3.94 -19.64
N LYS C 56 14.20 4.77 -20.44
CA LYS C 56 14.49 4.84 -21.88
C LYS C 56 15.89 5.38 -22.10
N LYS C 57 16.26 6.39 -21.33
CA LYS C 57 17.60 6.95 -21.46
C LYS C 57 18.64 5.86 -21.15
N THR C 58 18.40 5.07 -20.11
CA THR C 58 19.36 4.06 -19.71
C THR C 58 19.47 2.94 -20.75
N MET C 59 18.34 2.55 -21.32
CA MET C 59 18.31 1.53 -22.35
C MET C 59 18.96 2.02 -23.65
N ASP C 60 18.66 3.27 -24.03
CA ASP C 60 19.32 3.91 -25.19
C ASP C 60 20.87 3.82 -25.15
N ALA C 61 21.47 4.28 -24.06
CA ALA C 61 22.92 4.19 -23.84
C ALA C 61 23.44 2.73 -23.88
N LYS C 62 22.60 1.78 -23.48
CA LYS C 62 23.01 0.41 -23.37
C LYS C 62 23.07 -0.32 -24.72
N ASN C 63 22.04 -0.11 -25.54
CA ASN C 63 21.87 -0.91 -26.75
C ASN C 63 22.41 -0.19 -27.98
N GLY C 64 23.13 0.90 -27.75
CA GLY C 64 23.75 1.67 -28.82
C GLY C 64 22.75 2.27 -29.80
N GLN C 65 22.55 1.57 -30.92
CA GLN C 65 21.81 2.07 -32.09
C GLN C 65 20.37 1.59 -32.20
N THR C 66 20.01 0.60 -31.38
CA THR C 66 18.68 -0.01 -31.42
C THR C 66 17.59 0.98 -31.07
N MET C 67 16.50 0.93 -31.84
CA MET C 67 15.26 1.64 -31.52
C MET C 67 14.56 0.79 -30.47
N ASN C 68 14.60 1.30 -29.24
CA ASN C 68 14.17 0.57 -28.07
C ASN C 68 12.66 0.66 -27.79
N GLU C 69 12.01 1.63 -28.42
CA GLU C 69 10.62 1.95 -28.10
C GLU C 69 9.68 1.54 -29.21
N LYS C 70 8.60 0.86 -28.85
CA LYS C 70 7.53 0.53 -29.77
C LYS C 70 6.20 0.92 -29.14
N GLN C 71 5.20 1.26 -29.97
CA GLN C 71 3.86 1.56 -29.48
C GLN C 71 2.98 0.33 -29.65
N LEU C 72 2.47 -0.18 -28.53
CA LEU C 72 1.79 -1.48 -28.48
C LEU C 72 0.45 -1.36 -27.75
N PHE C 73 -0.45 -2.30 -27.99
CA PHE C 73 -1.78 -2.25 -27.37
C PHE C 73 -1.86 -3.10 -26.11
N HIS C 74 -2.68 -2.67 -25.15
CA HIS C 74 -2.95 -3.48 -23.95
C HIS C 74 -4.40 -3.34 -23.52
N GLY C 75 -5.13 -4.46 -23.57
CA GLY C 75 -6.50 -4.53 -23.06
C GLY C 75 -6.51 -4.87 -21.57
N THR C 76 -7.39 -4.22 -20.82
CA THR C 76 -7.53 -4.53 -19.40
C THR C 76 -8.99 -4.34 -19.01
N ASP C 77 -9.36 -4.61 -17.75
CA ASP C 77 -10.75 -4.32 -17.38
C ASP C 77 -10.88 -2.90 -16.89
N ALA C 78 -12.11 -2.43 -16.90
CA ALA C 78 -12.42 -1.07 -16.48
C ALA C 78 -11.78 -0.77 -15.14
N GLY C 79 -11.84 -1.74 -14.24
CA GLY C 79 -11.35 -1.58 -12.88
C GLY C 79 -9.89 -1.18 -12.73
N SER C 80 -9.08 -1.51 -13.73
CA SER C 80 -7.64 -1.26 -13.72
C SER C 80 -7.25 0.17 -14.16
N VAL C 81 -8.18 0.88 -14.80
CA VAL C 81 -7.88 2.18 -15.38
C VAL C 81 -7.35 3.19 -14.37
N PRO C 82 -8.02 3.30 -13.21
CA PRO C 82 -7.46 4.19 -12.21
C PRO C 82 -6.05 3.79 -11.76
N HIS C 83 -5.79 2.50 -11.64
CA HIS C 83 -4.47 2.09 -11.17
C HIS C 83 -3.40 2.45 -12.22
N VAL C 84 -3.68 2.06 -13.45
CA VAL C 84 -2.75 2.20 -14.56
C VAL C 84 -2.46 3.65 -14.80
N ASN C 85 -3.50 4.51 -14.76
CA ASN C 85 -3.27 5.91 -15.00
C ASN C 85 -2.27 6.47 -14.00
N ARG C 86 -2.30 5.96 -12.77
CA ARG C 86 -1.44 6.46 -11.71
C ARG C 86 -0.05 5.85 -11.75
N ASN C 87 0.00 4.54 -11.93
CA ASN C 87 1.18 3.76 -11.63
C ASN C 87 1.73 2.98 -12.81
N GLY C 88 1.06 3.04 -13.96
CA GLY C 88 1.47 2.24 -15.09
C GLY C 88 1.28 0.75 -14.85
N PHE C 89 1.95 -0.07 -15.65
CA PHE C 89 1.81 -1.52 -15.52
C PHE C 89 2.86 -2.05 -14.51
N ASN C 90 2.68 -1.66 -13.25
CA ASN C 90 3.69 -1.85 -12.25
C ASN C 90 3.48 -3.10 -11.38
N ARG C 91 4.20 -3.19 -10.27
CA ARG C 91 4.18 -4.39 -9.47
C ARG C 91 2.82 -4.79 -8.90
N SER C 92 1.90 -3.84 -8.75
CA SER C 92 0.57 -4.18 -8.26
C SER C 92 -0.52 -4.21 -9.35
N TYR C 93 -0.14 -4.04 -10.61
CA TYR C 93 -1.10 -4.19 -11.69
C TYR C 93 -1.65 -5.62 -11.70
N ALA C 94 -2.96 -5.75 -11.78
CA ALA C 94 -3.63 -7.04 -11.59
C ALA C 94 -3.87 -7.80 -12.87
N GLY C 95 -3.48 -7.20 -13.99
CA GLY C 95 -3.75 -7.78 -15.29
C GLY C 95 -2.50 -8.29 -15.93
N LYS C 96 -1.51 -8.59 -15.11
CA LYS C 96 -0.38 -9.39 -15.53
C LYS C 96 -0.88 -10.78 -15.87
N ASN C 97 -0.10 -11.53 -16.63
CA ASN C 97 -0.55 -12.85 -17.08
C ASN C 97 0.60 -13.82 -17.14
N ALA C 98 0.32 -15.07 -16.86
CA ALA C 98 1.34 -16.12 -16.87
C ALA C 98 0.95 -17.24 -17.86
N VAL C 99 1.36 -17.08 -19.12
CA VAL C 99 1.08 -18.09 -20.14
C VAL C 99 2.36 -18.43 -20.91
N ALA C 100 2.19 -18.91 -22.14
CA ALA C 100 3.26 -19.65 -22.81
C ALA C 100 4.55 -18.85 -23.12
N TYR C 101 4.46 -17.53 -23.14
CA TYR C 101 5.66 -16.73 -23.44
C TYR C 101 6.34 -16.15 -22.20
N GLY C 102 5.80 -16.40 -21.00
CA GLY C 102 6.36 -15.87 -19.73
C GLY C 102 5.32 -15.19 -18.86
N LYS C 103 5.75 -14.75 -17.69
CA LYS C 103 4.88 -14.09 -16.72
C LYS C 103 5.21 -12.60 -16.63
N GLY C 104 4.33 -11.74 -17.12
CA GLY C 104 4.53 -10.30 -17.01
C GLY C 104 3.42 -9.56 -17.74
N THR C 105 3.69 -8.33 -18.17
CA THR C 105 2.64 -7.57 -18.83
C THR C 105 2.70 -7.87 -20.31
N TYR C 106 1.56 -8.28 -20.86
CA TYR C 106 1.44 -8.61 -22.28
C TYR C 106 0.93 -7.43 -23.11
N PHE C 107 1.65 -7.12 -24.18
CA PHE C 107 1.37 -6.04 -25.11
C PHE C 107 1.32 -6.58 -26.53
N ALA C 108 0.36 -6.11 -27.32
CA ALA C 108 0.13 -6.62 -28.66
C ALA C 108 0.54 -5.60 -29.71
N VAL C 109 1.04 -6.10 -30.82
CA VAL C 109 1.48 -5.24 -31.91
C VAL C 109 0.27 -4.64 -32.61
N ASN C 110 -0.78 -5.45 -32.77
CA ASN C 110 -2.06 -4.95 -33.28
C ASN C 110 -3.13 -5.00 -32.21
N ALA C 111 -4.27 -4.36 -32.48
CA ALA C 111 -5.27 -4.12 -31.47
C ALA C 111 -6.05 -5.38 -31.12
N ASN C 112 -6.18 -6.29 -32.09
CA ASN C 112 -7.13 -7.39 -31.93
C ASN C 112 -6.86 -8.36 -30.77
N TYR C 113 -5.61 -8.70 -30.50
CA TYR C 113 -5.35 -9.54 -29.33
C TYR C 113 -5.94 -8.85 -28.09
N SER C 114 -5.71 -7.55 -27.99
CA SER C 114 -6.12 -6.78 -26.84
C SER C 114 -7.64 -6.59 -26.75
N ALA C 115 -8.31 -6.48 -27.89
CA ALA C 115 -9.77 -6.32 -27.93
C ALA C 115 -10.58 -7.55 -27.53
N ASN C 116 -9.95 -8.71 -27.44
CA ASN C 116 -10.67 -9.88 -26.92
C ASN C 116 -11.33 -9.54 -25.57
N ASP C 117 -12.57 -10.02 -25.40
CA ASP C 117 -13.30 -9.84 -24.13
C ASP C 117 -12.60 -10.39 -22.91
N THR C 118 -11.76 -11.41 -23.09
CA THR C 118 -10.95 -11.91 -21.97
C THR C 118 -10.08 -10.85 -21.35
N TYR C 119 -9.52 -9.97 -22.19
CA TYR C 119 -8.55 -8.96 -21.76
C TYR C 119 -9.25 -7.62 -21.54
N SER C 120 -9.76 -7.01 -22.61
CA SER C 120 -10.53 -5.77 -22.49
C SER C 120 -12.01 -6.08 -22.16
N ARG C 121 -12.23 -6.51 -20.92
CA ARG C 121 -13.54 -7.00 -20.50
C ARG C 121 -14.62 -5.95 -20.58
N PRO C 122 -15.72 -6.28 -21.26
CA PRO C 122 -16.81 -5.32 -21.32
C PRO C 122 -17.35 -5.08 -19.93
N ASP C 123 -17.45 -3.81 -19.57
CA ASP C 123 -18.10 -3.44 -18.31
C ASP C 123 -19.63 -3.52 -18.43
N ALA C 124 -20.31 -3.23 -17.32
CA ALA C 124 -21.78 -3.26 -17.25
C ALA C 124 -22.48 -2.50 -18.36
N ASN C 125 -21.85 -1.46 -18.91
CA ASN C 125 -22.43 -0.68 -20.02
C ASN C 125 -21.96 -1.11 -21.40
N GLY C 126 -21.27 -2.24 -21.49
CA GLY C 126 -20.71 -2.72 -22.77
C GLY C 126 -19.40 -2.05 -23.20
N ARG C 127 -18.76 -1.27 -22.32
CA ARG C 127 -17.53 -0.54 -22.68
C ARG C 127 -16.22 -1.32 -22.45
N LYS C 128 -15.37 -1.29 -23.47
CA LYS C 128 -14.10 -2.01 -23.45
C LYS C 128 -12.98 -0.99 -23.39
N HIS C 129 -11.84 -1.38 -22.84
CA HIS C 129 -10.76 -0.46 -22.56
C HIS C 129 -9.42 -1.02 -23.00
N VAL C 130 -8.79 -0.31 -23.91
CA VAL C 130 -7.51 -0.73 -24.49
C VAL C 130 -6.58 0.49 -24.53
N TYR C 131 -5.45 0.40 -23.83
CA TYR C 131 -4.39 1.41 -23.91
C TYR C 131 -3.49 1.21 -25.13
N TYR C 132 -3.01 2.31 -25.69
CA TYR C 132 -1.99 2.29 -26.74
C TYR C 132 -0.78 2.85 -26.06
N VAL C 133 0.24 2.01 -25.92
CA VAL C 133 1.26 2.20 -24.90
C VAL C 133 2.67 2.34 -25.46
N ARG C 134 3.47 3.25 -24.89
CA ARG C 134 4.89 3.27 -25.21
C ARG C 134 5.57 2.16 -24.39
N VAL C 135 6.25 1.26 -25.10
CA VAL C 135 6.96 0.15 -24.45
C VAL C 135 8.45 0.07 -24.87
N LEU C 136 9.31 -0.12 -23.87
CA LEU C 136 10.74 -0.25 -24.13
C LEU C 136 11.01 -1.72 -24.38
N THR C 137 10.71 -2.11 -25.61
CA THR C 137 10.85 -3.48 -26.04
C THR C 137 12.31 -3.86 -26.13
N GLY C 138 13.13 -2.91 -26.57
CA GLY C 138 14.59 -3.07 -26.55
C GLY C 138 15.07 -4.15 -27.49
N ILE C 139 15.92 -5.02 -26.97
CA ILE C 139 16.40 -6.16 -27.71
C ILE C 139 15.72 -7.38 -27.11
N TYR C 140 15.14 -8.21 -27.96
CA TYR C 140 14.26 -9.25 -27.53
C TYR C 140 14.59 -10.60 -28.17
N THR C 141 14.15 -11.66 -27.50
CA THR C 141 14.31 -13.03 -27.98
C THR C 141 12.97 -13.73 -27.78
N HIS C 142 12.89 -15.03 -28.05
CA HIS C 142 11.61 -15.76 -27.88
C HIS C 142 11.31 -16.03 -26.38
N GLY C 143 10.04 -15.97 -25.99
CA GLY C 143 9.64 -16.20 -24.60
C GLY C 143 9.40 -17.67 -24.30
N ASN C 144 9.21 -18.00 -23.02
CA ASN C 144 8.78 -19.34 -22.60
C ASN C 144 8.04 -19.27 -21.27
N HIS C 145 7.28 -20.31 -20.94
CA HIS C 145 6.40 -20.26 -19.76
C HIS C 145 7.10 -19.92 -18.43
N SER C 146 8.38 -20.24 -18.30
CA SER C 146 9.07 -20.17 -17.01
C SER C 146 9.57 -18.79 -16.65
N LEU C 147 9.61 -17.89 -17.64
CA LEU C 147 10.28 -16.60 -17.51
C LEU C 147 9.51 -15.59 -16.68
N ILE C 148 10.17 -15.06 -15.65
CA ILE C 148 9.69 -13.87 -14.95
C ILE C 148 10.58 -12.66 -15.17
N VAL C 149 11.77 -12.87 -15.73
CA VAL C 149 12.52 -11.81 -16.40
C VAL C 149 13.01 -12.39 -17.73
N PRO C 150 13.50 -11.53 -18.63
CA PRO C 150 14.01 -12.08 -19.88
C PRO C 150 15.31 -12.90 -19.69
N PRO C 151 15.56 -13.86 -20.58
CA PRO C 151 16.76 -14.70 -20.47
C PRO C 151 18.06 -13.96 -20.84
N SER C 152 19.21 -14.52 -20.47
CA SER C 152 20.51 -13.92 -20.78
C SER C 152 20.81 -14.05 -22.29
N LYS C 153 21.53 -13.09 -22.87
CA LYS C 153 21.95 -13.21 -24.27
C LYS C 153 23.00 -14.30 -24.47
N ASN C 154 23.92 -14.41 -23.51
CA ASN C 154 24.92 -15.48 -23.52
C ASN C 154 25.48 -15.77 -22.10
N PRO C 155 25.82 -17.04 -21.82
CA PRO C 155 26.22 -17.35 -20.44
C PRO C 155 27.60 -16.85 -20.06
N GLN C 156 28.46 -16.63 -21.05
CA GLN C 156 29.75 -15.93 -20.84
C GLN C 156 29.58 -14.76 -19.86
N ASN C 157 28.67 -13.84 -20.17
CA ASN C 157 28.20 -12.83 -19.21
C ASN C 157 26.69 -12.95 -19.02
N PRO C 158 26.25 -13.63 -17.94
CA PRO C 158 24.83 -13.95 -17.77
C PRO C 158 23.95 -12.85 -17.11
N THR C 159 24.55 -11.70 -16.78
CA THR C 159 23.82 -10.59 -16.17
C THR C 159 23.32 -9.62 -17.26
N ASP C 160 23.80 -9.84 -18.49
CA ASP C 160 23.38 -9.04 -19.65
C ASP C 160 22.16 -9.71 -20.30
N LEU C 161 20.98 -9.26 -19.87
CA LEU C 161 19.73 -9.89 -20.25
C LEU C 161 19.18 -9.24 -21.51
N TYR C 162 18.27 -9.95 -22.17
CA TYR C 162 17.35 -9.34 -23.12
C TYR C 162 16.41 -8.40 -22.36
N ASP C 163 15.80 -7.48 -23.08
CA ASP C 163 14.96 -6.43 -22.49
C ASP C 163 13.51 -6.89 -22.41
N THR C 164 13.05 -7.61 -23.44
CA THR C 164 11.71 -8.18 -23.44
C THR C 164 11.73 -9.49 -24.20
N VAL C 165 10.61 -10.20 -24.16
CA VAL C 165 10.45 -11.40 -24.98
C VAL C 165 9.24 -11.26 -25.93
N THR C 166 9.23 -12.10 -26.96
CA THR C 166 8.22 -12.05 -28.03
C THR C 166 7.87 -13.44 -28.51
N ASP C 167 6.84 -13.54 -29.33
CA ASP C 167 6.42 -14.80 -29.88
C ASP C 167 7.27 -15.17 -31.11
N ASN C 168 7.78 -14.17 -31.80
CA ASN C 168 8.46 -14.37 -33.07
C ASN C 168 9.39 -13.20 -33.36
N VAL C 169 10.70 -13.42 -33.21
CA VAL C 169 11.66 -12.33 -33.29
C VAL C 169 11.56 -11.65 -34.65
N HIS C 170 11.33 -12.43 -35.70
CA HIS C 170 11.28 -11.88 -37.06
C HIS C 170 9.97 -11.18 -37.41
N HIS C 171 8.85 -11.74 -36.98
CA HIS C 171 7.54 -11.12 -37.20
C HIS C 171 6.75 -11.12 -35.89
N PRO C 172 7.05 -10.15 -35.02
CA PRO C 172 6.42 -10.19 -33.70
C PRO C 172 4.93 -9.84 -33.76
N SER C 173 4.16 -10.39 -32.82
CA SER C 173 2.76 -9.98 -32.63
C SER C 173 2.45 -9.64 -31.18
N LEU C 174 3.37 -9.96 -30.29
CA LEU C 174 3.18 -9.71 -28.87
C LEU C 174 4.53 -9.54 -28.20
N PHE C 175 4.52 -8.82 -27.09
CA PHE C 175 5.71 -8.62 -26.29
C PHE C 175 5.33 -8.73 -24.82
N VAL C 176 6.21 -9.32 -24.04
CA VAL C 176 6.06 -9.41 -22.60
C VAL C 176 7.08 -8.47 -21.98
N ALA C 177 6.60 -7.56 -21.15
CA ALA C 177 7.44 -6.64 -20.39
C ALA C 177 7.38 -7.10 -18.94
N PHE C 178 8.44 -6.79 -18.19
CA PHE C 178 8.69 -7.38 -16.89
C PHE C 178 9.00 -6.39 -15.79
N TYR C 179 9.32 -5.14 -16.13
CA TYR C 179 9.71 -4.13 -15.12
C TYR C 179 8.76 -2.93 -15.02
N ASP C 180 8.78 -2.31 -13.85
CA ASP C 180 7.78 -1.32 -13.43
C ASP C 180 7.66 -0.07 -14.25
N TYR C 181 8.75 0.45 -14.79
CA TYR C 181 8.64 1.69 -15.60
C TYR C 181 9.00 1.48 -17.05
N GLN C 182 8.88 0.25 -17.51
CA GLN C 182 9.26 -0.12 -18.86
C GLN C 182 8.19 0.29 -19.91
N ALA C 183 7.05 0.77 -19.44
CA ALA C 183 5.90 1.04 -20.34
C ALA C 183 5.07 2.20 -19.84
N TYR C 184 4.71 3.09 -20.75
CA TYR C 184 3.87 4.25 -20.41
C TYR C 184 2.54 4.25 -21.12
N PRO C 185 1.43 4.28 -20.35
CA PRO C 185 0.08 4.23 -20.90
C PRO C 185 -0.33 5.58 -21.48
N GLU C 186 0.08 5.85 -22.72
CA GLU C 186 -0.08 7.20 -23.26
C GLU C 186 -1.52 7.48 -23.63
N TYR C 187 -2.16 6.51 -24.29
CA TYR C 187 -3.51 6.69 -24.77
C TYR C 187 -4.45 5.63 -24.23
N LEU C 188 -5.68 6.02 -23.89
CA LEU C 188 -6.75 5.07 -23.56
C LEU C 188 -7.89 5.14 -24.59
N ILE C 189 -8.17 4.00 -25.21
CA ILE C 189 -9.23 3.89 -26.18
C ILE C 189 -10.40 3.21 -25.50
N THR C 190 -11.53 3.90 -25.44
CA THR C 190 -12.76 3.33 -24.91
C THR C 190 -13.72 3.11 -26.07
N PHE C 191 -14.13 1.86 -26.23
CA PHE C 191 -14.95 1.46 -27.36
C PHE C 191 -15.99 0.42 -26.97
N ARG C 192 -16.74 -0.04 -27.97
CA ARG C 192 -17.96 -0.81 -27.78
C ARG C 192 -18.31 -1.64 -29.03
N LYS C 193 -18.97 -2.78 -28.84
CA LYS C 193 -19.36 -3.65 -29.94
C LYS C 193 -20.39 -3.00 -30.87
N LYS D 5 9.63 11.45 2.71
CA LYS D 5 9.56 10.61 1.48
C LYS D 5 9.70 9.11 1.82
N GLN D 6 10.93 8.62 1.98
CA GLN D 6 11.19 7.18 2.18
C GLN D 6 10.93 6.73 3.63
N GLN D 7 11.29 7.57 4.59
CA GLN D 7 11.19 7.24 6.02
C GLN D 7 11.97 5.95 6.38
N ASN D 8 13.15 5.74 5.75
CA ASN D 8 14.11 4.69 6.15
C ASN D 8 14.55 4.95 7.59
N PHE D 9 15.07 3.93 8.27
CA PHE D 9 15.33 4.11 9.68
C PHE D 9 16.46 3.25 10.19
N CYS D 10 17.01 3.66 11.32
CA CYS D 10 18.01 2.85 12.01
C CYS D 10 17.56 2.65 13.42
N VAL D 11 18.00 1.55 14.02
CA VAL D 11 17.62 1.15 15.37
C VAL D 11 18.90 0.98 16.19
N VAL D 12 19.10 1.86 17.16
CA VAL D 12 20.31 1.86 17.98
C VAL D 12 19.97 1.45 19.41
N GLU D 13 20.51 0.32 19.84
CA GLU D 13 20.34 -0.15 21.21
C GLU D 13 21.21 0.69 22.13
N LEU D 14 20.66 1.12 23.26
CA LEU D 14 21.39 1.95 24.21
C LEU D 14 22.00 1.06 25.27
N LEU D 15 23.20 1.42 25.70
CA LEU D 15 23.82 0.77 26.85
C LEU D 15 23.14 1.28 28.11
N PRO D 16 23.00 0.41 29.14
CA PRO D 16 22.38 0.89 30.40
C PRO D 16 23.00 2.14 31.04
N SER D 17 24.30 2.31 30.89
CA SER D 17 25.01 3.46 31.45
C SER D 17 24.85 4.72 30.61
N ASP D 18 24.15 4.64 29.48
CA ASP D 18 23.85 5.84 28.69
C ASP D 18 22.78 6.69 29.43
N PRO D 19 23.04 8.00 29.59
CA PRO D 19 22.08 8.93 30.20
C PRO D 19 20.65 8.82 29.65
N GLU D 20 20.50 8.62 28.35
CA GLU D 20 19.16 8.44 27.77
C GLU D 20 18.50 7.17 28.24
N TYR D 21 19.25 6.06 28.25
CA TYR D 21 18.74 4.83 28.83
C TYR D 21 18.29 5.10 30.23
N ASN D 22 19.13 5.77 30.99
CA ASN D 22 18.84 6.04 32.39
C ASN D 22 17.49 6.77 32.55
N THR D 23 17.24 7.79 31.74
CA THR D 23 15.98 8.56 31.79
C THR D 23 14.75 7.70 31.46
N VAL D 24 14.83 6.93 30.40
CA VAL D 24 13.72 6.02 30.01
C VAL D 24 13.50 4.84 30.97
N ALA D 25 14.58 4.19 31.41
CA ALA D 25 14.45 3.09 32.33
C ALA D 25 13.73 3.53 33.61
N SER D 26 14.20 4.60 34.25
CA SER D 26 13.66 4.98 35.58
C SER D 26 12.24 5.50 35.53
N LYS D 27 11.87 6.16 34.45
CA LYS D 27 10.49 6.54 34.21
C LYS D 27 9.59 5.30 34.08
N PHE D 28 9.97 4.40 33.18
CA PHE D 28 9.29 3.14 33.03
C PHE D 28 9.14 2.45 34.40
N ASN D 29 10.23 2.43 35.16
CA ASN D 29 10.31 1.68 36.41
C ASN D 29 9.42 2.23 37.54
N GLN D 30 9.09 3.52 37.49
CA GLN D 30 8.12 4.15 38.41
C GLN D 30 6.81 3.39 38.61
N THR D 31 6.28 2.78 37.56
CA THR D 31 5.04 2.00 37.68
C THR D 31 5.18 0.58 37.16
N CYS D 32 6.31 0.24 36.57
CA CYS D 32 6.50 -1.10 36.06
C CYS D 32 7.74 -1.79 36.62
N SER D 33 8.00 -1.59 37.92
CA SER D 33 9.21 -2.15 38.55
C SER D 33 9.16 -3.68 38.66
N HIS D 34 7.97 -4.24 38.46
CA HIS D 34 7.79 -5.67 38.50
C HIS D 34 8.17 -6.37 37.18
N PHE D 35 8.57 -5.61 36.17
CA PHE D 35 9.07 -6.19 34.91
C PHE D 35 10.60 -6.00 34.82
N ARG D 36 11.26 -6.81 34.00
CA ARG D 36 12.69 -6.71 33.79
C ARG D 36 12.95 -6.28 32.36
N ILE D 37 13.64 -5.17 32.22
CA ILE D 37 13.92 -4.56 30.93
C ILE D 37 15.05 -5.35 30.29
N GLU D 38 14.85 -5.77 29.05
CA GLU D 38 15.92 -6.45 28.33
C GLU D 38 16.72 -5.49 27.47
N LYS D 39 16.04 -4.63 26.73
CA LYS D 39 16.73 -3.56 26.03
C LYS D 39 15.88 -2.32 25.83
N ILE D 40 16.57 -1.21 25.66
CA ILE D 40 15.95 0.01 25.20
C ILE D 40 16.72 0.42 23.95
N GLU D 41 15.96 0.70 22.88
CA GLU D 41 16.53 1.10 21.61
C GLU D 41 15.99 2.48 21.24
N ARG D 42 16.82 3.28 20.57
CA ARG D 42 16.38 4.54 20.01
C ARG D 42 16.07 4.33 18.54
N ILE D 43 14.94 4.84 18.08
CA ILE D 43 14.56 4.72 16.67
C ILE D 43 14.84 6.04 15.94
N GLN D 44 15.71 5.95 14.95
CA GLN D 44 16.22 7.10 14.24
C GLN D 44 15.71 7.04 12.80
N ASN D 45 14.63 7.80 12.57
CA ASN D 45 13.97 7.87 11.27
C ASN D 45 13.89 9.34 10.88
N PRO D 46 14.89 9.84 10.12
CA PRO D 46 15.01 11.27 9.80
C PRO D 46 13.82 11.87 9.11
N ASP D 47 13.22 11.15 8.16
CA ASP D 47 12.04 11.69 7.48
C ASP D 47 10.88 11.81 8.42
N LEU D 48 10.63 10.76 9.20
CA LEU D 48 9.50 10.74 10.11
C LEU D 48 9.70 11.84 11.15
N TRP D 49 10.94 12.01 11.59
CA TRP D 49 11.34 13.04 12.54
C TRP D 49 11.15 14.43 12.00
N ASN D 50 11.55 14.64 10.74
CA ASN D 50 11.34 15.95 10.11
C ASN D 50 9.86 16.31 9.98
N SER D 51 9.04 15.32 9.67
CA SER D 51 7.59 15.54 9.55
C SER D 51 6.95 15.83 10.90
N TYR D 52 7.37 15.08 11.91
CA TYR D 52 6.94 15.34 13.28
C TYR D 52 7.31 16.78 13.68
N GLN D 53 8.59 17.12 13.53
CA GLN D 53 9.06 18.47 13.87
C GLN D 53 8.34 19.59 13.12
N ALA D 54 7.92 19.34 11.88
CA ALA D 54 7.14 20.35 11.14
C ALA D 54 5.79 20.55 11.81
N LYS D 55 5.17 19.47 12.29
CA LYS D 55 3.95 19.59 13.08
C LYS D 55 4.25 20.28 14.38
N LYS D 56 5.34 19.93 15.04
CA LYS D 56 5.65 20.62 16.29
C LYS D 56 5.76 22.13 16.08
N LYS D 57 6.45 22.55 15.04
CA LYS D 57 6.66 23.97 14.81
C LYS D 57 5.35 24.72 14.56
N THR D 58 4.47 24.14 13.75
CA THR D 58 3.13 24.71 13.55
C THR D 58 2.37 24.86 14.86
N MET D 59 2.33 23.78 15.61
CA MET D 59 1.64 23.78 16.89
C MET D 59 2.30 24.76 17.85
N ASP D 60 3.62 24.84 17.84
CA ASP D 60 4.33 25.77 18.72
C ASP D 60 4.03 27.23 18.38
N ALA D 61 3.78 27.51 17.11
CA ALA D 61 3.44 28.86 16.67
C ALA D 61 1.99 29.18 16.96
N LYS D 62 1.20 28.17 17.35
CA LYS D 62 -0.23 28.33 17.67
C LYS D 62 -0.55 28.43 19.18
N ASN D 63 0.09 27.61 20.02
CA ASN D 63 -0.38 27.40 21.39
C ASN D 63 0.37 28.17 22.48
N GLY D 64 1.12 29.18 22.09
CA GLY D 64 1.71 30.10 23.05
C GLY D 64 2.71 29.49 24.01
N GLN D 65 2.38 29.52 25.30
CA GLN D 65 3.23 28.95 26.35
C GLN D 65 3.05 27.44 26.54
N THR D 66 2.07 26.86 25.83
CA THR D 66 1.76 25.46 26.02
C THR D 66 3.01 24.61 25.68
N MET D 67 3.35 23.68 26.57
CA MET D 67 4.31 22.63 26.26
C MET D 67 3.53 21.58 25.44
N ASN D 68 3.62 21.71 24.13
CA ASN D 68 2.86 20.86 23.22
C ASN D 68 3.27 19.41 23.17
N GLU D 69 4.44 19.10 23.72
CA GLU D 69 5.05 17.80 23.60
C GLU D 69 5.07 17.09 24.92
N LYS D 70 4.59 15.86 24.95
CA LYS D 70 4.74 15.00 26.10
C LYS D 70 5.39 13.68 25.71
N GLN D 71 6.08 13.06 26.66
CA GLN D 71 6.59 11.72 26.47
C GLN D 71 5.68 10.75 27.19
N LEU D 72 5.09 9.86 26.40
CA LEU D 72 4.03 8.96 26.85
C LEU D 72 4.33 7.54 26.33
N PHE D 73 3.73 6.54 26.97
CA PHE D 73 3.97 5.16 26.61
C PHE D 73 2.88 4.63 25.70
N HIS D 74 3.29 3.74 24.81
CA HIS D 74 2.34 3.00 24.00
C HIS D 74 2.80 1.55 23.84
N GLY D 75 2.04 0.65 24.43
CA GLY D 75 2.24 -0.79 24.27
C GLY D 75 1.56 -1.25 23.00
N THR D 76 2.16 -2.25 22.36
CA THR D 76 1.73 -2.78 21.07
C THR D 76 2.32 -4.17 20.87
N ASP D 77 1.93 -4.89 19.82
CA ASP D 77 2.58 -6.19 19.64
C ASP D 77 3.85 -6.11 18.85
N ALA D 78 4.66 -7.14 19.00
CA ALA D 78 5.92 -7.22 18.26
C ALA D 78 5.68 -6.95 16.79
N GLY D 79 4.56 -7.45 16.27
CA GLY D 79 4.18 -7.33 14.86
C GLY D 79 4.04 -5.91 14.33
N SER D 80 3.72 -4.95 15.20
CA SER D 80 3.60 -3.55 14.78
C SER D 80 4.92 -2.78 14.76
N VAL D 81 5.98 -3.33 15.38
CA VAL D 81 7.23 -2.59 15.55
C VAL D 81 7.85 -2.17 14.22
N PRO D 82 7.88 -3.07 13.23
CA PRO D 82 8.40 -2.60 11.96
C PRO D 82 7.50 -1.56 11.31
N HIS D 83 6.20 -1.62 11.55
CA HIS D 83 5.31 -0.62 10.98
C HIS D 83 5.60 0.73 11.60
N VAL D 84 5.58 0.74 12.92
CA VAL D 84 5.76 1.96 13.67
C VAL D 84 7.14 2.54 13.41
N ASN D 85 8.17 1.68 13.35
CA ASN D 85 9.50 2.24 13.17
C ASN D 85 9.62 3.04 11.88
N ARG D 86 8.84 2.65 10.88
CA ARG D 86 8.86 3.31 9.57
C ARG D 86 7.87 4.48 9.48
N ASN D 87 6.63 4.25 9.89
CA ASN D 87 5.52 5.16 9.60
C ASN D 87 4.92 5.90 10.80
N GLY D 88 5.38 5.56 12.01
CA GLY D 88 4.75 6.06 13.21
C GLY D 88 3.37 5.45 13.40
N PHE D 89 2.51 6.14 14.15
CA PHE D 89 1.21 5.63 14.51
C PHE D 89 0.20 6.20 13.53
N ASN D 90 0.33 5.80 12.28
CA ASN D 90 -0.28 6.51 11.17
C ASN D 90 -1.59 5.88 10.76
N ARG D 91 -2.08 6.20 9.58
CA ARG D 91 -3.43 5.78 9.17
C ARG D 91 -3.63 4.27 8.92
N SER D 92 -2.53 3.56 8.70
CA SER D 92 -2.59 2.12 8.57
C SER D 92 -2.13 1.38 9.84
N TYR D 93 -1.85 2.10 10.92
CA TYR D 93 -1.39 1.43 12.16
C TYR D 93 -2.53 0.63 12.76
N ALA D 94 -2.27 -0.63 13.07
CA ALA D 94 -3.34 -1.57 13.41
C ALA D 94 -3.76 -1.55 14.87
N GLY D 95 -3.03 -0.83 15.71
CA GLY D 95 -3.32 -0.79 17.14
C GLY D 95 -4.03 0.47 17.59
N LYS D 96 -4.71 1.12 16.66
CA LYS D 96 -5.65 2.17 17.05
C LYS D 96 -6.78 1.49 17.81
N ASN D 97 -7.29 2.16 18.81
CA ASN D 97 -8.33 1.59 19.64
C ASN D 97 -9.55 2.46 19.66
N ALA D 98 -10.71 1.83 19.85
CA ALA D 98 -12.01 2.54 19.92
C ALA D 98 -12.77 2.21 21.24
N VAL D 99 -12.55 3.05 22.25
CA VAL D 99 -13.17 2.88 23.55
C VAL D 99 -13.68 4.25 24.06
N ALA D 100 -13.79 4.40 25.38
CA ALA D 100 -14.59 5.47 26.00
C ALA D 100 -14.19 6.90 25.63
N TYR D 101 -12.93 7.08 25.23
CA TYR D 101 -12.38 8.38 24.96
C TYR D 101 -12.21 8.73 23.49
N GLY D 102 -12.59 7.82 22.60
CA GLY D 102 -12.51 8.07 21.17
C GLY D 102 -11.75 7.00 20.43
N LYS D 103 -11.58 7.24 19.14
CA LYS D 103 -10.98 6.30 18.21
C LYS D 103 -9.72 6.87 17.57
N GLY D 104 -8.58 6.43 18.08
CA GLY D 104 -7.29 6.92 17.62
C GLY D 104 -6.23 6.13 18.35
N THR D 105 -5.00 6.64 18.42
CA THR D 105 -3.95 5.94 19.14
C THR D 105 -3.94 6.41 20.60
N TYR D 106 -3.99 5.44 21.52
CA TYR D 106 -3.97 5.68 22.98
C TYR D 106 -2.54 5.68 23.53
N PHE D 107 -2.24 6.73 24.29
CA PHE D 107 -0.96 6.87 24.94
C PHE D 107 -1.14 7.02 26.44
N ALA D 108 -0.28 6.37 27.21
CA ALA D 108 -0.38 6.41 28.67
C ALA D 108 0.64 7.37 29.28
N VAL D 109 0.24 8.04 30.35
CA VAL D 109 1.14 8.92 31.11
C VAL D 109 2.13 8.07 31.88
N ASN D 110 1.65 6.97 32.45
CA ASN D 110 2.55 6.00 33.10
C ASN D 110 2.60 4.72 32.29
N ALA D 111 3.70 3.98 32.43
CA ALA D 111 3.88 2.76 31.63
C ALA D 111 2.94 1.60 32.01
N ASN D 112 2.35 1.62 33.21
CA ASN D 112 1.53 0.46 33.62
C ASN D 112 0.38 0.19 32.68
N TYR D 113 -0.32 1.22 32.22
CA TYR D 113 -1.39 1.00 31.26
C TYR D 113 -0.85 0.21 30.07
N SER D 114 0.31 0.62 29.58
CA SER D 114 0.83 0.12 28.33
C SER D 114 1.40 -1.29 28.47
N ALA D 115 1.79 -1.65 29.70
CA ALA D 115 2.41 -2.94 30.02
C ALA D 115 1.43 -4.10 30.16
N ASN D 116 0.14 -3.79 30.17
CA ASN D 116 -0.91 -4.81 30.11
C ASN D 116 -0.74 -5.76 28.92
N ASP D 117 -0.88 -7.04 29.16
CA ASP D 117 -0.69 -8.04 28.12
C ASP D 117 -1.65 -7.87 26.92
N THR D 118 -2.76 -7.19 27.15
CA THR D 118 -3.73 -6.93 26.10
C THR D 118 -3.20 -5.91 25.10
N TYR D 119 -2.23 -5.10 25.51
CA TYR D 119 -1.64 -4.09 24.62
C TYR D 119 -0.24 -4.51 24.21
N SER D 120 0.68 -4.61 25.16
CA SER D 120 2.02 -5.11 24.89
C SER D 120 1.99 -6.64 25.00
N ARG D 121 1.34 -7.28 24.03
CA ARG D 121 1.22 -8.74 23.98
C ARG D 121 2.56 -9.42 24.00
N PRO D 122 2.75 -10.37 24.93
CA PRO D 122 3.98 -11.14 24.88
C PRO D 122 4.08 -11.94 23.59
N ASP D 123 5.25 -11.94 22.97
CA ASP D 123 5.49 -12.80 21.83
C ASP D 123 5.77 -14.22 22.32
N ALA D 124 6.14 -15.09 21.37
CA ALA D 124 6.41 -16.50 21.66
C ALA D 124 7.52 -16.66 22.68
N ASN D 125 8.40 -15.67 22.78
CA ASN D 125 9.50 -15.68 23.78
C ASN D 125 9.24 -14.95 25.09
N GLY D 126 8.00 -14.54 25.33
CA GLY D 126 7.67 -13.80 26.54
C GLY D 126 8.08 -12.34 26.48
N ARG D 127 8.47 -11.86 25.33
CA ARG D 127 8.86 -10.46 25.21
C ARG D 127 7.69 -9.51 24.95
N LYS D 128 7.73 -8.36 25.64
CA LYS D 128 6.70 -7.33 25.57
C LYS D 128 7.31 -6.02 25.08
N HIS D 129 6.55 -5.27 24.33
CA HIS D 129 7.08 -4.15 23.60
C HIS D 129 6.29 -2.88 23.86
N VAL D 130 6.96 -1.90 24.46
CA VAL D 130 6.36 -0.62 24.77
C VAL D 130 7.27 0.53 24.36
N TYR D 131 6.68 1.42 23.57
CA TYR D 131 7.35 2.64 23.13
C TYR D 131 7.20 3.76 24.17
N TYR D 132 8.22 4.60 24.26
CA TYR D 132 8.17 5.86 24.95
C TYR D 132 8.19 6.94 23.88
N VAL D 133 7.08 7.60 23.69
CA VAL D 133 6.79 8.37 22.50
C VAL D 133 6.72 9.88 22.73
N ARG D 134 7.28 10.66 21.82
CA ARG D 134 7.05 12.11 21.81
C ARG D 134 5.72 12.36 21.12
N VAL D 135 4.72 12.81 21.89
CA VAL D 135 3.37 13.04 21.38
C VAL D 135 2.96 14.52 21.46
N LEU D 136 2.37 15.03 20.40
CA LEU D 136 1.98 16.43 20.37
C LEU D 136 0.56 16.54 20.89
N THR D 137 0.45 16.50 22.22
CA THR D 137 -0.80 16.60 22.94
C THR D 137 -1.34 18.01 22.83
N GLY D 138 -0.45 18.99 22.70
CA GLY D 138 -0.88 20.39 22.56
C GLY D 138 -1.97 20.76 23.55
N ILE D 139 -3.08 21.29 23.03
CA ILE D 139 -4.25 21.64 23.83
C ILE D 139 -5.32 20.57 23.74
N TYR D 140 -5.72 20.04 24.88
CA TYR D 140 -6.56 18.88 24.93
C TYR D 140 -7.84 19.12 25.70
N THR D 141 -8.87 18.34 25.38
CA THR D 141 -10.13 18.28 26.15
C THR D 141 -10.52 16.83 26.48
N HIS D 142 -11.57 16.67 27.29
CA HIS D 142 -12.07 15.36 27.65
C HIS D 142 -12.57 14.67 26.37
N GLY D 143 -12.35 13.37 26.26
CA GLY D 143 -12.78 12.63 25.08
C GLY D 143 -14.14 12.02 25.31
N ASN D 144 -14.69 11.42 24.26
CA ASN D 144 -15.86 10.57 24.35
C ASN D 144 -15.78 9.55 23.21
N HIS D 145 -16.55 8.47 23.33
CA HIS D 145 -16.43 7.35 22.40
C HIS D 145 -16.64 7.70 20.91
N SER D 146 -17.37 8.77 20.61
CA SER D 146 -17.74 9.07 19.22
C SER D 146 -16.59 9.70 18.44
N LEU D 147 -15.55 10.12 19.14
CA LEU D 147 -14.54 10.99 18.55
C LEU D 147 -13.58 10.22 17.62
N ILE D 148 -13.50 10.66 16.36
CA ILE D 148 -12.44 10.21 15.44
C ILE D 148 -11.44 11.31 15.08
N VAL D 149 -11.80 12.56 15.41
CA VAL D 149 -10.89 13.69 15.52
C VAL D 149 -11.25 14.44 16.82
N PRO D 150 -10.38 15.31 17.31
CA PRO D 150 -10.74 16.00 18.52
C PRO D 150 -11.83 17.03 18.22
N PRO D 151 -12.62 17.41 19.25
CA PRO D 151 -13.74 18.26 18.97
C PRO D 151 -13.32 19.70 18.69
N SER D 152 -14.24 20.48 18.15
CA SER D 152 -14.01 21.89 17.93
C SER D 152 -14.10 22.64 19.27
N LYS D 153 -13.33 23.72 19.37
CA LYS D 153 -13.26 24.56 20.56
C LYS D 153 -14.35 25.62 20.78
N ASN D 154 -15.27 25.84 19.86
CA ASN D 154 -16.23 26.92 20.05
C ASN D 154 -17.29 26.90 19.01
N PRO D 155 -17.58 25.65 18.67
CA PRO D 155 -18.44 25.25 17.57
C PRO D 155 -19.40 26.30 16.96
N GLN D 156 -18.86 27.45 16.60
CA GLN D 156 -19.53 28.40 15.76
C GLN D 156 -18.41 28.86 14.90
N ASN D 157 -17.24 28.31 15.22
CA ASN D 157 -16.04 28.33 14.38
C ASN D 157 -15.58 26.90 14.23
N PRO D 158 -16.49 26.08 13.78
CA PRO D 158 -16.36 24.63 13.88
C PRO D 158 -15.04 23.99 13.38
N THR D 159 -14.16 24.78 12.79
CA THR D 159 -12.92 24.27 12.23
C THR D 159 -11.65 24.48 13.09
N ASP D 160 -11.76 25.15 14.23
CA ASP D 160 -10.63 25.17 15.18
C ASP D 160 -10.81 24.00 16.14
N LEU D 161 -9.86 23.09 16.20
CA LEU D 161 -10.06 21.87 16.97
C LEU D 161 -9.02 21.78 18.07
N TYR D 162 -9.35 21.07 19.15
CA TYR D 162 -8.33 20.67 20.13
C TYR D 162 -7.28 19.78 19.44
N ASP D 163 -6.11 19.63 20.04
CA ASP D 163 -5.02 18.84 19.42
C ASP D 163 -5.15 17.34 19.72
N THR D 164 -5.44 17.02 20.98
CA THR D 164 -5.70 15.67 21.43
C THR D 164 -6.82 15.65 22.45
N VAL D 165 -7.25 14.47 22.87
CA VAL D 165 -8.21 14.37 23.97
C VAL D 165 -7.65 13.50 25.10
N THR D 166 -8.17 13.68 26.31
CA THR D 166 -7.67 12.99 27.50
C THR D 166 -8.82 12.38 28.29
N ASP D 167 -8.51 11.59 29.31
CA ASP D 167 -9.52 11.12 30.26
C ASP D 167 -9.87 12.19 31.30
N ASN D 168 -8.89 12.99 31.68
CA ASN D 168 -9.07 14.01 32.71
C ASN D 168 -8.15 15.19 32.43
N VAL D 169 -8.74 16.37 32.24
CA VAL D 169 -7.99 17.51 31.74
C VAL D 169 -6.97 18.00 32.75
N HIS D 170 -7.31 17.91 34.03
CA HIS D 170 -6.43 18.42 35.07
C HIS D 170 -5.59 17.35 35.73
N HIS D 171 -5.99 16.08 35.62
CA HIS D 171 -5.16 14.99 36.12
C HIS D 171 -5.09 13.83 35.10
N PRO D 172 -4.52 14.11 33.92
CA PRO D 172 -4.55 13.11 32.85
C PRO D 172 -3.78 11.84 33.18
N SER D 173 -4.35 10.69 32.86
CA SER D 173 -3.60 9.42 32.86
C SER D 173 -3.40 8.89 31.45
N LEU D 174 -4.10 9.44 30.46
CA LEU D 174 -3.98 8.95 29.09
C LEU D 174 -4.38 9.97 28.04
N PHE D 175 -3.86 9.81 26.83
CA PHE D 175 -4.23 10.68 25.71
C PHE D 175 -4.62 9.89 24.47
N VAL D 176 -5.45 10.51 23.62
CA VAL D 176 -5.75 9.96 22.32
C VAL D 176 -5.32 10.95 21.26
N ALA D 177 -4.42 10.51 20.39
CA ALA D 177 -3.91 11.29 19.26
C ALA D 177 -4.53 10.76 17.97
N PHE D 178 -4.78 11.64 17.00
CA PHE D 178 -5.56 11.26 15.82
C PHE D 178 -4.85 11.38 14.47
N TYR D 179 -3.77 12.13 14.38
CA TYR D 179 -3.18 12.45 13.10
C TYR D 179 -1.84 11.76 12.87
N ASP D 180 -1.52 11.57 11.59
CA ASP D 180 -0.37 10.80 11.15
C ASP D 180 1.01 11.20 11.69
N TYR D 181 1.29 12.48 11.76
CA TYR D 181 2.63 12.86 12.18
C TYR D 181 2.67 13.47 13.57
N GLN D 182 1.68 13.10 14.39
CA GLN D 182 1.49 13.70 15.69
C GLN D 182 2.34 13.06 16.78
N ALA D 183 2.91 11.88 16.52
CA ALA D 183 3.73 11.14 17.49
C ALA D 183 4.98 10.53 16.85
N TYR D 184 6.12 10.70 17.50
CA TYR D 184 7.34 10.10 17.03
C TYR D 184 7.79 9.06 18.05
N PRO D 185 7.93 7.79 17.60
CA PRO D 185 8.28 6.69 18.47
C PRO D 185 9.76 6.67 18.79
N GLU D 186 10.20 7.56 19.67
CA GLU D 186 11.64 7.74 19.88
C GLU D 186 12.36 6.54 20.46
N TYR D 187 11.82 5.96 21.53
CA TYR D 187 12.45 4.84 22.20
C TYR D 187 11.57 3.62 22.21
N LEU D 188 12.16 2.44 22.11
CA LEU D 188 11.43 1.17 22.29
C LEU D 188 11.98 0.37 23.47
N ILE D 189 11.10 0.07 24.41
CA ILE D 189 11.48 -0.69 25.60
C ILE D 189 11.04 -2.10 25.34
N THR D 190 12.00 -3.03 25.31
CA THR D 190 11.69 -4.47 25.26
C THR D 190 11.98 -5.09 26.60
N PHE D 191 10.96 -5.73 27.18
CA PHE D 191 11.04 -6.24 28.54
C PHE D 191 10.23 -7.52 28.73
N ARG D 192 10.31 -8.10 29.92
CA ARG D 192 9.65 -9.36 30.19
C ARG D 192 9.27 -9.46 31.65
N LYS D 193 8.34 -10.37 31.92
CA LYS D 193 8.00 -10.80 33.27
C LYS D 193 9.16 -11.60 33.86
OAA LDR E . -22.90 4.90 -1.69
CAB LDR E . -24.91 2.10 -6.36
CAC LDR E . -26.70 4.47 0.01
CAD LDR E . -26.21 1.88 -5.89
CAE LDR E . -27.67 3.79 -0.72
CAF LDR E . -24.01 2.76 -5.54
CAG LDR E . -25.43 4.64 -0.51
CAH LDR E . -26.63 2.34 -4.65
CAI LDR E . -27.36 3.31 -1.99
NAJ LDR E . -23.54 3.86 -3.52
CAK LDR E . -23.83 4.33 -2.30
CAL LDR E . -24.43 3.22 -4.28
CAM LDR E . -25.11 4.15 -1.78
CAN LDR E . -25.73 3.01 -3.81
CAO LDR E . -26.08 3.48 -2.53
C1 GOL F . -9.77 11.42 10.82
O1 GOL F . -9.78 10.59 11.95
C2 GOL F . -8.39 11.83 10.29
O2 GOL F . -8.19 13.20 10.55
C3 GOL F . -7.19 11.03 10.81
O3 GOL F . -6.03 11.31 10.02
C1 GOL G . -12.23 23.05 -7.25
O1 GOL G . -13.01 22.71 -6.12
C2 GOL G . -11.82 21.77 -7.99
O2 GOL G . -12.16 20.66 -7.16
C3 GOL G . -12.52 21.68 -9.35
O3 GOL G . -11.87 22.45 -10.36
OAA LDR H . 10.39 -20.19 5.16
CAB LDR H . 9.52 -21.12 10.89
CAC LDR H . 10.75 -24.30 4.72
CAD LDR H . 9.61 -22.49 10.86
CAE LDR H . 10.61 -25.10 5.86
CAF LDR H . 9.66 -20.41 9.69
CAG LDR H . 10.66 -22.90 4.83
CAH LDR H . 9.87 -23.16 9.67
CAI LDR H . 10.34 -24.50 7.09
NAJ LDR H . 10.04 -20.35 7.36
CAK LDR H . 10.29 -20.91 6.16
CAL LDR H . 9.91 -21.07 8.49
CAM LDR H . 10.41 -22.31 6.07
CAN LDR H . 10.01 -22.46 8.47
CAO LDR H . 10.26 -23.10 7.21
S SCN I . 23.41 -13.70 19.56
C SCN I . 23.62 -13.14 17.88
N SCN I . 23.73 -12.72 16.78
N3 3AB J . -2.60 -12.50 -24.68
C3 3AB J . -2.38 -11.21 -24.90
C2 3AB J . -3.07 -10.20 -24.22
C4 3AB J . -1.44 -10.85 -25.85
C5 3AB J . -1.18 -9.51 -26.13
C6 3AB J . -1.87 -8.51 -25.44
C1 3AB J . -2.80 -8.86 -24.47
C1' 3AB J . -3.55 -7.74 -23.77
O1' 3AB J . -3.88 -6.74 -24.43
N1' 3AB J . -3.89 -7.91 -22.49
CL CL K . -9.25 7.86 -13.65
C1 GOL L . 2.82 12.37 -20.85
O1 GOL L . 2.33 12.96 -19.65
C2 GOL L . 2.13 12.97 -22.09
O2 GOL L . 1.16 12.04 -22.59
C3 GOL L . 3.16 13.29 -23.17
O3 GOL L . 3.34 12.17 -24.03
S SCN M . -16.12 15.30 -34.21
C SCN M . -14.86 16.59 -34.00
N SCN M . -13.99 17.37 -33.92
N3 3AB N . -6.16 1.70 26.91
C3 3AB N . -4.93 2.20 26.77
C2 3AB N . -3.99 1.58 25.96
C4 3AB N . -4.59 3.36 27.46
C5 3AB N . -3.30 3.88 27.33
C6 3AB N . -2.36 3.25 26.52
C1 3AB N . -2.71 2.09 25.83
C1' 3AB N . -1.70 1.40 24.93
O1' 3AB N . -0.51 1.41 25.23
N1' 3AB N . -2.20 0.78 23.86
CL CL O . 12.51 -3.34 12.71
C1 GOL P . 16.79 10.42 16.53
O1 GOL P . 16.12 10.94 17.66
C2 GOL P . 16.26 11.07 15.26
O2 GOL P . 14.88 10.83 15.25
C3 GOL P . 16.89 10.50 13.99
O3 GOL P . 16.86 11.38 12.89
S SCN Q . 25.83 -2.47 31.46
C SCN Q . 26.65 -1.12 30.56
N SCN Q . 27.08 -0.16 30.05
#